data_6Q2E
#
_entry.id   6Q2E
#
_cell.length_a   63.082
_cell.length_b   81.020
_cell.length_c   130.972
_cell.angle_alpha   90.000
_cell.angle_beta   90.000
_cell.angle_gamma   90.000
#
_symmetry.space_group_name_H-M   'P 21 21 21'
#
loop_
_entity.id
_entity.type
_entity.pdbx_description
1 polymer '2-(3-amino-3-carboxypropyl)histidine synthase'
2 non-polymer "5'-DEOXY-5'-METHYLTHIOADENOSINE"
3 non-polymer 'IRON/SULFUR CLUSTER'
4 non-polymer 'CHLORIDE ION'
5 water water
#
_entity_poly.entity_id   1
_entity_poly.type   'polypeptide(L)'
_entity_poly.pdbx_seq_one_letter_code
;GSHMSMYNMDLDKVIRKINKKGARTVGLQFPEGLKMQAVKIAKAIESQTPATVIISGDPCFGACDVSDYKMKGSVDLIVH
YGHTPLPLKYEVPTLFIEAFSNIDVKKDLEKCLEKLEDYSKIALVTTTQHLHLLNEIKDYLEDNGKEVVLGSSKNTKKGQ
VLGCNFSSIKNLDAEVYLFIGSGNFHPLGIYLFTKSPVLALDPYNSEIRDISAFADRILRIRFARITKAREAEKWGIIVS
SKEGQYRMKLAKEIKKILEDNKMEAYIIMADNINPDILLPYMELDAFVVSACPRIAIDDSQMYKKPLLTPQELEIVLNKR
QWENYQLDEILFHERYK
;
_entity_poly.pdbx_strand_id   A,B
#
loop_
_chem_comp.id
_chem_comp.type
_chem_comp.name
_chem_comp.formula
CL non-polymer 'CHLORIDE ION' 'Cl -1'
MTA non-polymer 5'-DEOXY-5'-METHYLTHIOADENOSINE 'C11 H15 N5 O3 S'
SF4 non-polymer 'IRON/SULFUR CLUSTER' 'Fe4 S4'
#
# COMPACT_ATOMS: atom_id res chain seq x y z
N HIS A 3 3.25 -32.88 -11.99
CA HIS A 3 2.49 -33.35 -10.83
C HIS A 3 2.55 -32.36 -9.67
N MET A 4 3.70 -31.71 -9.50
CA MET A 4 3.88 -30.75 -8.42
C MET A 4 3.24 -29.39 -8.69
N SER A 5 2.90 -29.07 -9.94
CA SER A 5 2.32 -27.77 -10.25
C SER A 5 0.84 -27.77 -9.89
N MET A 6 0.46 -26.98 -8.89
CA MET A 6 -0.95 -26.94 -8.51
C MET A 6 -1.77 -26.10 -9.47
N TYR A 7 -1.13 -25.25 -10.25
CA TYR A 7 -1.82 -24.38 -11.19
C TYR A 7 -1.06 -24.36 -12.51
N ASN A 8 -1.79 -24.13 -13.58
CA ASN A 8 -1.20 -24.03 -14.91
C ASN A 8 -0.78 -22.59 -15.13
N MET A 9 0.52 -22.33 -14.97
CA MET A 9 1.03 -20.98 -15.11
C MET A 9 1.36 -20.62 -16.57
N ASP A 10 1.20 -21.56 -17.50
CA ASP A 10 1.16 -21.26 -18.93
C ASP A 10 2.45 -20.56 -19.38
N LEU A 11 3.58 -21.02 -18.82
CA LEU A 11 4.86 -20.35 -19.05
C LEU A 11 5.23 -20.34 -20.53
N ASP A 12 4.94 -21.44 -21.23
CA ASP A 12 5.21 -21.52 -22.66
C ASP A 12 4.53 -20.40 -23.42
N LYS A 13 3.23 -20.19 -23.14
CA LYS A 13 2.46 -19.14 -23.80
C LYS A 13 2.98 -17.77 -23.42
N VAL A 14 3.22 -17.54 -22.13
CA VAL A 14 3.74 -16.27 -21.65
C VAL A 14 5.04 -15.92 -22.37
N ILE A 15 5.95 -16.90 -22.49
CA ILE A 15 7.24 -16.62 -23.13
C ILE A 15 7.08 -16.33 -24.61
N ARG A 16 6.27 -17.14 -25.33
CA ARG A 16 6.09 -16.88 -26.75
C ARG A 16 5.50 -15.50 -27.00
N LYS A 17 4.52 -15.09 -26.17
CA LYS A 17 3.93 -13.77 -26.36
C LYS A 17 4.91 -12.65 -26.00
N ILE A 18 5.71 -12.84 -24.95
CA ILE A 18 6.73 -11.86 -24.60
C ILE A 18 7.68 -11.65 -25.78
N ASN A 19 8.17 -12.75 -26.35
CA ASN A 19 9.12 -12.65 -27.45
C ASN A 19 8.49 -12.01 -28.69
N LYS A 20 7.28 -12.43 -29.05
CA LYS A 20 6.59 -11.85 -30.21
C LYS A 20 6.29 -10.36 -30.03
N LYS A 21 5.98 -9.94 -28.80
CA LYS A 21 5.71 -8.53 -28.55
C LYS A 21 6.97 -7.68 -28.55
N GLY A 22 8.14 -8.29 -28.40
CA GLY A 22 9.38 -7.54 -28.35
C GLY A 22 9.61 -6.79 -27.07
N ALA A 23 8.92 -7.20 -26.00
CA ALA A 23 9.00 -6.48 -24.73
C ALA A 23 10.40 -6.63 -24.14
N ARG A 24 10.93 -5.53 -23.63
CA ARG A 24 12.24 -5.56 -22.98
C ARG A 24 12.18 -5.42 -21.48
N THR A 25 11.04 -4.99 -20.92
CA THR A 25 10.84 -5.02 -19.48
C THR A 25 9.42 -5.50 -19.24
N VAL A 26 9.25 -6.47 -18.34
CA VAL A 26 7.96 -7.13 -18.18
C VAL A 26 7.62 -7.16 -16.68
N GLY A 27 6.43 -6.67 -16.34
CA GLY A 27 5.96 -6.74 -14.97
C GLY A 27 5.16 -8.00 -14.73
N LEU A 28 5.31 -8.57 -13.53
CA LEU A 28 4.53 -9.75 -13.13
C LEU A 28 3.66 -9.41 -11.94
N GLN A 29 2.39 -9.80 -11.99
CA GLN A 29 1.47 -9.58 -10.88
C GLN A 29 0.88 -10.92 -10.48
N PHE A 30 0.86 -11.18 -9.17
CA PHE A 30 0.28 -12.41 -8.64
C PHE A 30 -0.64 -12.10 -7.47
N PRO A 31 -1.79 -12.77 -7.39
CA PRO A 31 -2.52 -12.77 -6.12
C PRO A 31 -1.72 -13.48 -5.04
N GLU A 32 -2.17 -13.31 -3.80
CA GLU A 32 -1.43 -13.80 -2.63
C GLU A 32 -1.05 -15.28 -2.75
N GLY A 33 -1.99 -16.11 -3.21
CA GLY A 33 -1.73 -17.56 -3.26
C GLY A 33 -0.77 -18.00 -4.36
N LEU A 34 -0.39 -17.09 -5.25
CA LEU A 34 0.53 -17.43 -6.33
C LEU A 34 1.86 -16.70 -6.24
N LYS A 35 2.02 -15.76 -5.30
CA LYS A 35 3.23 -14.95 -5.26
C LYS A 35 4.47 -15.79 -4.99
N MET A 36 4.31 -16.90 -4.26
CA MET A 36 5.43 -17.78 -3.96
C MET A 36 6.14 -18.27 -5.22
N GLN A 37 5.48 -18.25 -6.38
CA GLN A 37 6.06 -18.71 -7.64
C GLN A 37 6.77 -17.61 -8.42
N ALA A 38 6.86 -16.39 -7.89
CA ALA A 38 7.27 -15.26 -8.71
C ALA A 38 8.72 -15.40 -9.17
N VAL A 39 9.60 -15.84 -8.28
CA VAL A 39 11.02 -15.92 -8.65
C VAL A 39 11.23 -17.01 -9.69
N LYS A 40 10.61 -18.17 -9.49
CA LYS A 40 10.72 -19.24 -10.50
C LYS A 40 10.30 -18.75 -11.87
N ILE A 41 9.16 -18.07 -11.96
CA ILE A 41 8.62 -17.59 -13.22
C ILE A 41 9.51 -16.48 -13.78
N ALA A 42 9.96 -15.58 -12.91
CA ALA A 42 10.84 -14.52 -13.38
C ALA A 42 12.14 -15.09 -13.98
N LYS A 43 12.68 -16.12 -13.33
CA LYS A 43 13.92 -16.72 -13.81
C LYS A 43 13.71 -17.38 -15.17
N ALA A 44 12.58 -18.05 -15.35
CA ALA A 44 12.29 -18.68 -16.63
C ALA A 44 12.13 -17.65 -17.73
N ILE A 45 11.40 -16.56 -17.47
CA ILE A 45 11.21 -15.53 -18.48
C ILE A 45 12.56 -14.92 -18.88
N GLU A 46 13.40 -14.62 -17.89
CA GLU A 46 14.68 -13.99 -18.20
C GLU A 46 15.61 -14.96 -18.93
N SER A 47 15.45 -16.27 -18.71
CA SER A 47 16.33 -17.21 -19.38
C SER A 47 15.97 -17.37 -20.85
N GLN A 48 14.70 -17.18 -21.21
CA GLN A 48 14.20 -17.52 -22.54
C GLN A 48 13.78 -16.31 -23.35
N THR A 49 13.92 -15.10 -22.81
CA THR A 49 13.60 -13.86 -23.50
C THR A 49 14.69 -12.85 -23.17
N PRO A 50 14.79 -11.76 -23.94
CA PRO A 50 15.71 -10.68 -23.59
C PRO A 50 15.16 -9.69 -22.58
N ALA A 51 14.02 -9.99 -21.96
CA ALA A 51 13.35 -9.05 -21.07
C ALA A 51 13.89 -9.14 -19.65
N THR A 52 13.90 -8.00 -18.97
CA THR A 52 14.15 -7.92 -17.53
C THR A 52 12.79 -7.95 -16.85
N VAL A 53 12.66 -8.76 -15.83
CA VAL A 53 11.38 -8.89 -15.13
C VAL A 53 11.34 -7.97 -13.92
N ILE A 54 10.20 -7.30 -13.74
CA ILE A 54 9.91 -6.55 -12.53
C ILE A 54 8.74 -7.28 -11.85
N ILE A 55 9.01 -7.89 -10.70
CA ILE A 55 7.97 -8.52 -9.89
C ILE A 55 7.23 -7.43 -9.13
N SER A 56 5.89 -7.39 -9.26
CA SER A 56 5.14 -6.46 -8.43
C SER A 56 5.00 -7.09 -7.05
N GLY A 57 5.57 -6.44 -6.04
CA GLY A 57 5.43 -6.90 -4.68
C GLY A 57 4.19 -6.41 -3.96
N ASP A 58 3.42 -5.50 -4.58
CA ASP A 58 2.23 -5.01 -3.92
C ASP A 58 1.15 -6.10 -3.89
N PRO A 59 0.21 -6.01 -2.97
CA PRO A 59 -0.96 -6.91 -3.02
C PRO A 59 -1.63 -6.87 -4.39
N CYS A 60 -2.34 -7.95 -4.72
CA CYS A 60 -3.02 -8.02 -6.01
C CYS A 60 -4.29 -8.84 -5.77
N PHE A 61 -5.38 -8.15 -5.54
CA PHE A 61 -6.57 -8.85 -5.06
C PHE A 61 -7.50 -9.31 -6.17
N GLY A 62 -7.41 -8.73 -7.37
CA GLY A 62 -8.25 -9.18 -8.48
C GLY A 62 -7.88 -8.43 -9.72
N ALA A 63 -8.73 -8.55 -10.75
CA ALA A 63 -8.50 -7.73 -11.94
C ALA A 63 -8.88 -6.27 -11.74
N CYS A 64 -9.44 -5.94 -10.57
CA CYS A 64 -9.67 -4.56 -10.17
C CYS A 64 -8.39 -3.86 -9.79
N ASP A 65 -7.31 -4.60 -9.69
CA ASP A 65 -6.12 -4.22 -8.96
C ASP A 65 -4.89 -4.40 -9.82
N VAL A 66 -4.98 -4.02 -11.08
CA VAL A 66 -3.84 -4.15 -11.99
C VAL A 66 -2.83 -3.03 -11.70
N SER A 67 -1.54 -3.34 -11.89
CA SER A 67 -0.47 -2.42 -11.53
C SER A 67 -0.09 -1.48 -12.67
N ASP A 68 -1.02 -1.16 -13.58
CA ASP A 68 -0.68 -0.38 -14.75
C ASP A 68 -0.39 1.09 -14.43
N TYR A 69 -1.07 1.65 -13.43
CA TYR A 69 -0.75 3.01 -13.00
C TYR A 69 0.63 3.10 -12.37
N LYS A 70 0.96 2.17 -11.47
CA LYS A 70 2.24 2.22 -10.79
C LYS A 70 3.40 1.89 -11.71
N MET A 71 3.17 1.02 -12.69
CA MET A 71 4.21 0.54 -13.57
C MET A 71 4.26 1.29 -14.88
N LYS A 72 3.39 2.27 -15.09
CA LYS A 72 3.44 3.07 -16.30
C LYS A 72 4.83 3.69 -16.44
N GLY A 73 5.44 3.51 -17.59
CA GLY A 73 6.77 3.99 -17.84
C GLY A 73 7.88 3.07 -17.41
N SER A 74 7.56 2.04 -16.63
CA SER A 74 8.58 1.12 -16.14
C SER A 74 8.61 -0.19 -16.92
N VAL A 75 7.47 -0.65 -17.42
CA VAL A 75 7.41 -1.90 -18.15
C VAL A 75 6.65 -1.70 -19.45
N ASP A 76 6.96 -2.56 -20.44
CA ASP A 76 6.30 -2.57 -21.73
C ASP A 76 5.08 -3.47 -21.74
N LEU A 77 5.00 -4.40 -20.79
CA LEU A 77 4.01 -5.46 -20.74
C LEU A 77 3.85 -5.90 -19.28
N ILE A 78 2.61 -6.16 -18.88
CA ILE A 78 2.31 -6.76 -17.59
C ILE A 78 1.66 -8.12 -17.83
N VAL A 79 2.17 -9.15 -17.16
CA VAL A 79 1.55 -10.47 -17.12
C VAL A 79 0.87 -10.58 -15.76
N HIS A 80 -0.45 -10.71 -15.78
CA HIS A 80 -1.29 -10.67 -14.59
C HIS A 80 -1.96 -12.04 -14.43
N TYR A 81 -1.72 -12.69 -13.30
CA TYR A 81 -2.15 -14.07 -13.08
C TYR A 81 -3.37 -14.15 -12.17
N GLY A 82 -4.21 -15.15 -12.42
CA GLY A 82 -5.23 -15.55 -11.46
C GLY A 82 -6.62 -15.01 -11.70
N HIS A 83 -6.77 -14.04 -12.59
CA HIS A 83 -8.02 -13.32 -12.76
C HIS A 83 -8.31 -13.16 -14.25
N THR A 84 -9.58 -13.09 -14.60
CA THR A 84 -9.89 -12.67 -15.96
C THR A 84 -10.06 -11.15 -16.01
N PRO A 85 -9.83 -10.50 -17.15
CA PRO A 85 -9.86 -9.03 -17.18
C PRO A 85 -11.23 -8.44 -16.93
N LEU A 86 -11.23 -7.28 -16.29
CA LEU A 86 -12.39 -6.41 -16.14
C LEU A 86 -12.50 -5.47 -17.32
N PRO A 87 -13.70 -4.94 -17.58
CA PRO A 87 -13.87 -4.01 -18.71
C PRO A 87 -13.26 -2.64 -18.44
N LEU A 88 -11.96 -2.62 -18.17
CA LEU A 88 -11.24 -1.39 -17.90
C LEU A 88 -10.20 -1.17 -19.00
N LYS A 89 -9.79 0.09 -19.15
CA LYS A 89 -8.73 0.45 -20.08
C LYS A 89 -7.44 0.57 -19.29
N TYR A 90 -6.48 -0.30 -19.59
CA TYR A 90 -5.25 -0.36 -18.81
C TYR A 90 -4.17 0.53 -19.43
N GLU A 91 -3.39 1.18 -18.58
CA GLU A 91 -2.38 2.12 -19.05
C GLU A 91 -1.22 1.41 -19.75
N VAL A 92 -1.05 0.11 -19.53
CA VAL A 92 0.08 -0.65 -20.06
C VAL A 92 -0.50 -1.93 -20.66
N PRO A 93 0.01 -2.41 -21.79
CA PRO A 93 -0.46 -3.71 -22.32
C PRO A 93 -0.38 -4.78 -21.25
N THR A 94 -1.47 -5.53 -21.09
CA THR A 94 -1.55 -6.54 -20.04
C THR A 94 -2.02 -7.86 -20.62
N LEU A 95 -1.31 -8.93 -20.25
CA LEU A 95 -1.67 -10.30 -20.61
C LEU A 95 -2.21 -11.00 -19.36
N PHE A 96 -3.46 -11.45 -19.42
CA PHE A 96 -4.11 -12.11 -18.29
C PHE A 96 -4.01 -13.63 -18.46
N ILE A 97 -3.37 -14.28 -17.50
CA ILE A 97 -3.25 -15.74 -17.44
C ILE A 97 -4.16 -16.24 -16.32
N GLU A 98 -5.10 -17.14 -16.63
CA GLU A 98 -6.06 -17.56 -15.62
C GLU A 98 -5.43 -18.29 -14.44
N ALA A 99 -4.36 -19.04 -14.69
CA ALA A 99 -3.75 -19.93 -13.70
C ALA A 99 -4.76 -20.97 -13.22
N PHE A 100 -5.28 -21.72 -14.19
CA PHE A 100 -6.27 -22.75 -13.90
C PHE A 100 -5.72 -23.77 -12.92
N SER A 101 -6.59 -24.18 -12.00
CA SER A 101 -6.30 -25.27 -11.09
C SER A 101 -5.88 -26.52 -11.87
N ASN A 102 -4.83 -27.18 -11.40
CA ASN A 102 -4.45 -28.48 -11.96
C ASN A 102 -5.22 -29.54 -11.19
N ILE A 103 -6.37 -29.92 -11.73
CA ILE A 103 -7.29 -30.81 -11.04
C ILE A 103 -7.98 -31.67 -12.06
N ASP A 104 -8.13 -32.97 -11.73
CA ASP A 104 -9.05 -33.86 -12.42
C ASP A 104 -10.27 -34.04 -11.52
N VAL A 105 -11.43 -33.58 -11.99
CA VAL A 105 -12.66 -33.65 -11.20
C VAL A 105 -13.43 -34.93 -11.45
N LYS A 106 -12.94 -35.81 -12.32
CA LYS A 106 -13.68 -37.04 -12.62
C LYS A 106 -13.95 -37.85 -11.35
N LYS A 107 -13.03 -37.84 -10.39
CA LYS A 107 -13.22 -38.63 -9.16
C LYS A 107 -14.44 -38.17 -8.37
N ASP A 108 -14.91 -36.94 -8.57
CA ASP A 108 -15.99 -36.36 -7.76
C ASP A 108 -17.32 -36.29 -8.48
N LEU A 109 -17.37 -36.63 -9.77
CA LEU A 109 -18.63 -36.50 -10.51
C LEU A 109 -19.73 -37.33 -9.89
N GLU A 110 -19.43 -38.57 -9.49
CA GLU A 110 -20.46 -39.43 -8.94
C GLU A 110 -20.95 -38.89 -7.60
N LYS A 111 -20.04 -38.34 -6.78
CA LYS A 111 -20.47 -37.75 -5.52
C LYS A 111 -21.42 -36.58 -5.76
N CYS A 112 -21.16 -35.78 -6.80
CA CYS A 112 -22.04 -34.65 -7.11
C CYS A 112 -23.43 -35.13 -7.53
N LEU A 113 -23.50 -36.20 -8.33
CA LEU A 113 -24.78 -36.68 -8.79
C LEU A 113 -25.67 -37.11 -7.63
N GLU A 114 -25.07 -37.78 -6.63
CA GLU A 114 -25.87 -38.27 -5.51
C GLU A 114 -26.37 -37.11 -4.65
N LYS A 115 -25.53 -36.09 -4.43
CA LYS A 115 -25.98 -34.91 -3.69
C LYS A 115 -27.06 -34.14 -4.43
N LEU A 116 -27.29 -34.43 -5.70
CA LEU A 116 -28.25 -33.71 -6.52
C LEU A 116 -29.46 -34.56 -6.91
N GLU A 117 -29.63 -35.71 -6.27
CA GLU A 117 -30.67 -36.67 -6.68
C GLU A 117 -32.06 -36.07 -6.67
N ASP A 118 -32.30 -35.05 -5.85
CA ASP A 118 -33.63 -34.47 -5.71
C ASP A 118 -33.93 -33.37 -6.72
N TYR A 119 -32.97 -33.00 -7.57
CA TYR A 119 -33.13 -31.85 -8.44
C TYR A 119 -32.94 -32.25 -9.90
N SER A 120 -33.78 -31.68 -10.76
CA SER A 120 -33.65 -31.82 -12.20
C SER A 120 -32.88 -30.66 -12.84
N LYS A 121 -33.06 -29.45 -12.34
CA LYS A 121 -32.55 -28.22 -12.95
C LYS A 121 -31.42 -27.66 -12.10
N ILE A 122 -30.21 -27.68 -12.63
CA ILE A 122 -29.00 -27.40 -11.86
C ILE A 122 -28.24 -26.25 -12.51
N ALA A 123 -27.84 -25.27 -11.70
CA ALA A 123 -26.95 -24.22 -12.16
C ALA A 123 -25.55 -24.51 -11.63
N LEU A 124 -24.55 -24.41 -12.50
CA LEU A 124 -23.16 -24.59 -12.14
C LEU A 124 -22.47 -23.24 -12.13
N VAL A 125 -21.68 -22.97 -11.08
CA VAL A 125 -21.02 -21.68 -10.87
C VAL A 125 -19.63 -21.91 -10.33
N THR A 126 -18.67 -21.08 -10.73
CA THR A 126 -17.36 -21.14 -10.10
C THR A 126 -16.64 -19.81 -10.31
N THR A 127 -15.37 -19.76 -9.89
CA THR A 127 -14.52 -18.63 -10.17
C THR A 127 -13.45 -19.01 -11.19
N THR A 128 -12.64 -18.02 -11.55
CA THR A 128 -11.71 -18.14 -12.68
C THR A 128 -10.90 -19.43 -12.68
N GLN A 129 -10.30 -19.77 -11.55
N GLN A 129 -10.29 -19.75 -11.53
CA GLN A 129 -9.32 -20.85 -11.60
CA GLN A 129 -9.35 -20.87 -11.45
C GLN A 129 -9.95 -22.25 -11.62
C GLN A 129 -9.99 -22.18 -11.90
N HIS A 130 -11.28 -22.37 -11.62
CA HIS A 130 -11.94 -23.63 -11.88
C HIS A 130 -12.85 -23.60 -13.11
N LEU A 131 -12.80 -22.53 -13.91
CA LEU A 131 -13.71 -22.43 -15.05
C LEU A 131 -13.49 -23.56 -16.05
N HIS A 132 -12.26 -24.03 -16.18
CA HIS A 132 -11.94 -25.12 -17.10
C HIS A 132 -12.61 -26.44 -16.74
N LEU A 133 -13.20 -26.55 -15.55
CA LEU A 133 -13.85 -27.80 -15.14
C LEU A 133 -15.33 -27.86 -15.45
N LEU A 134 -15.95 -26.71 -15.78
CA LEU A 134 -17.40 -26.66 -15.84
C LEU A 134 -17.97 -27.60 -16.91
N ASN A 135 -17.32 -27.65 -18.08
CA ASN A 135 -17.90 -28.42 -19.18
C ASN A 135 -17.92 -29.92 -18.87
N GLU A 136 -16.87 -30.44 -18.22
CA GLU A 136 -16.86 -31.85 -17.85
C GLU A 136 -17.99 -32.15 -16.87
N ILE A 137 -18.17 -31.28 -15.88
CA ILE A 137 -19.23 -31.50 -14.90
C ILE A 137 -20.59 -31.40 -15.56
N LYS A 138 -20.78 -30.36 -16.39
CA LYS A 138 -22.05 -30.19 -17.08
C LYS A 138 -22.38 -31.41 -17.94
N ASP A 139 -21.41 -31.88 -18.74
CA ASP A 139 -21.69 -33.02 -19.61
C ASP A 139 -22.03 -34.27 -18.80
N TYR A 140 -21.31 -34.50 -17.71
CA TYR A 140 -21.62 -35.64 -16.85
C TYR A 140 -23.04 -35.56 -16.34
N LEU A 141 -23.42 -34.42 -15.78
CA LEU A 141 -24.77 -34.26 -15.24
C LEU A 141 -25.83 -34.43 -16.33
N GLU A 142 -25.59 -33.86 -17.51
CA GLU A 142 -26.53 -34.02 -18.60
C GLU A 142 -26.61 -35.47 -19.06
N ASP A 143 -25.50 -36.19 -19.02
CA ASP A 143 -25.51 -37.61 -19.35
C ASP A 143 -26.24 -38.44 -18.31
N ASN A 144 -26.54 -37.87 -17.15
CA ASN A 144 -27.26 -38.58 -16.09
C ASN A 144 -28.63 -37.96 -15.82
N GLY A 145 -29.24 -37.36 -16.84
CA GLY A 145 -30.63 -36.95 -16.81
C GLY A 145 -30.90 -35.55 -16.31
N LYS A 146 -29.87 -34.77 -16.03
CA LYS A 146 -30.07 -33.43 -15.48
C LYS A 146 -30.16 -32.39 -16.60
N GLU A 147 -30.78 -31.27 -16.25
CA GLU A 147 -30.74 -30.06 -17.06
C GLU A 147 -29.79 -29.08 -16.40
N VAL A 148 -28.78 -28.62 -17.14
CA VAL A 148 -27.71 -27.81 -16.57
C VAL A 148 -27.69 -26.45 -17.26
N VAL A 149 -27.69 -25.40 -16.47
CA VAL A 149 -27.63 -24.03 -16.97
C VAL A 149 -26.39 -23.35 -16.43
N LEU A 150 -25.71 -22.61 -17.31
CA LEU A 150 -24.58 -21.77 -16.92
C LEU A 150 -24.99 -20.32 -17.15
N GLY A 151 -25.04 -19.54 -16.09
CA GLY A 151 -25.35 -18.15 -16.22
C GLY A 151 -24.18 -17.38 -16.81
N SER A 152 -24.51 -16.33 -17.57
CA SER A 152 -23.51 -15.42 -18.08
C SER A 152 -23.97 -14.00 -17.82
N SER A 153 -23.10 -13.05 -18.14
CA SER A 153 -23.43 -11.63 -18.06
C SER A 153 -22.58 -10.92 -19.09
N LYS A 154 -22.80 -9.60 -19.22
CA LYS A 154 -22.04 -8.81 -20.17
C LYS A 154 -20.55 -8.79 -19.82
N ASN A 155 -20.21 -8.98 -18.54
CA ASN A 155 -18.83 -8.82 -18.09
C ASN A 155 -18.28 -10.01 -17.33
N THR A 156 -18.99 -11.14 -17.29
CA THR A 156 -18.46 -12.36 -16.70
C THR A 156 -18.67 -13.52 -17.68
N LYS A 157 -17.72 -14.45 -17.69
CA LYS A 157 -17.79 -15.60 -18.58
C LYS A 157 -18.87 -16.56 -18.11
N LYS A 158 -19.23 -17.50 -18.98
CA LYS A 158 -20.26 -18.48 -18.66
C LYS A 158 -19.89 -19.24 -17.40
N GLY A 159 -20.81 -19.25 -16.43
CA GLY A 159 -20.58 -19.94 -15.18
C GLY A 159 -19.72 -19.22 -14.16
N GLN A 160 -19.32 -17.96 -14.42
CA GLN A 160 -18.39 -17.27 -13.56
C GLN A 160 -19.08 -16.21 -12.70
N VAL A 161 -18.67 -16.13 -11.42
CA VAL A 161 -19.02 -15.00 -10.58
C VAL A 161 -17.72 -14.38 -10.05
N LEU A 162 -17.84 -13.13 -9.60
CA LEU A 162 -16.81 -12.42 -8.84
C LEU A 162 -17.40 -12.04 -7.50
N GLY A 163 -16.52 -11.67 -6.56
CA GLY A 163 -16.99 -11.28 -5.24
C GLY A 163 -17.84 -10.04 -5.26
N CYS A 164 -17.73 -9.23 -6.31
CA CYS A 164 -18.48 -8.00 -6.47
C CYS A 164 -19.46 -8.04 -7.64
N ASN A 165 -19.67 -9.20 -8.25
CA ASN A 165 -20.57 -9.26 -9.41
C ASN A 165 -21.19 -10.65 -9.46
N PHE A 166 -22.43 -10.74 -8.97
CA PHE A 166 -23.22 -11.96 -9.02
C PHE A 166 -24.29 -11.91 -10.10
N SER A 167 -24.15 -11.01 -11.07
CA SER A 167 -25.23 -10.79 -12.04
C SER A 167 -25.59 -12.06 -12.79
N SER A 168 -24.63 -12.94 -13.00
CA SER A 168 -24.86 -14.08 -13.88
C SER A 168 -25.70 -15.17 -13.22
N ILE A 169 -25.88 -15.17 -11.90
CA ILE A 169 -26.70 -16.18 -11.25
C ILE A 169 -28.06 -15.65 -10.83
N LYS A 170 -28.41 -14.42 -11.18
CA LYS A 170 -29.61 -13.81 -10.63
C LYS A 170 -30.90 -14.21 -11.33
N ASN A 171 -30.85 -14.56 -12.61
CA ASN A 171 -32.07 -14.80 -13.36
C ASN A 171 -32.03 -16.17 -14.03
N LEU A 172 -31.60 -17.19 -13.30
CA LEU A 172 -31.39 -18.51 -13.87
C LEU A 172 -32.57 -19.46 -13.68
N ASP A 173 -33.31 -19.33 -12.56
CA ASP A 173 -34.44 -20.21 -12.25
C ASP A 173 -34.03 -21.69 -12.25
N ALA A 174 -33.02 -22.01 -11.46
CA ALA A 174 -32.62 -23.39 -11.20
C ALA A 174 -33.20 -23.83 -9.86
N GLU A 175 -33.21 -25.15 -9.65
CA GLU A 175 -33.65 -25.67 -8.36
C GLU A 175 -32.54 -25.67 -7.33
N VAL A 176 -31.29 -25.64 -7.77
CA VAL A 176 -30.13 -25.78 -6.91
C VAL A 176 -28.92 -25.22 -7.66
N TYR A 177 -28.02 -24.58 -6.94
CA TYR A 177 -26.80 -24.00 -7.48
C TYR A 177 -25.61 -24.75 -6.93
N LEU A 178 -24.79 -25.30 -7.81
CA LEU A 178 -23.59 -26.01 -7.41
C LEU A 178 -22.40 -25.11 -7.69
N PHE A 179 -21.71 -24.69 -6.63
CA PHE A 179 -20.52 -23.88 -6.76
C PHE A 179 -19.28 -24.76 -6.65
N ILE A 180 -18.27 -24.49 -7.50
CA ILE A 180 -17.02 -25.24 -7.50
C ILE A 180 -15.97 -24.38 -6.82
N GLY A 181 -15.56 -24.75 -5.60
CA GLY A 181 -14.51 -24.05 -4.91
C GLY A 181 -14.56 -24.29 -3.41
N SER A 182 -13.41 -24.09 -2.76
CA SER A 182 -13.28 -24.28 -1.32
C SER A 182 -13.72 -23.07 -0.51
N GLY A 183 -13.80 -21.90 -1.12
CA GLY A 183 -14.14 -20.71 -0.39
C GLY A 183 -15.63 -20.53 -0.24
N ASN A 184 -16.02 -19.77 0.78
CA ASN A 184 -17.42 -19.64 1.13
C ASN A 184 -18.05 -18.30 0.78
N PHE A 185 -17.28 -17.31 0.32
CA PHE A 185 -17.90 -16.01 0.09
C PHE A 185 -18.77 -16.04 -1.17
N HIS A 186 -18.27 -16.60 -2.27
CA HIS A 186 -19.10 -16.70 -3.46
C HIS A 186 -20.34 -17.55 -3.24
N PRO A 187 -20.27 -18.71 -2.57
CA PRO A 187 -21.51 -19.44 -2.27
C PRO A 187 -22.48 -18.63 -1.43
N LEU A 188 -21.95 -17.80 -0.52
CA LEU A 188 -22.80 -16.93 0.28
C LEU A 188 -23.60 -15.97 -0.58
N GLY A 189 -22.96 -15.36 -1.57
CA GLY A 189 -23.70 -14.42 -2.41
C GLY A 189 -24.72 -15.10 -3.29
N ILE A 190 -24.38 -16.28 -3.83
CA ILE A 190 -25.35 -17.04 -4.62
C ILE A 190 -26.58 -17.35 -3.76
N TYR A 191 -26.34 -17.79 -2.53
CA TYR A 191 -27.42 -18.08 -1.59
C TYR A 191 -28.32 -16.85 -1.36
N LEU A 192 -27.72 -15.72 -0.96
CA LEU A 192 -28.53 -14.55 -0.64
C LEU A 192 -29.29 -14.03 -1.85
N PHE A 193 -28.70 -14.10 -3.04
CA PHE A 193 -29.39 -13.51 -4.19
C PHE A 193 -30.49 -14.44 -4.72
N THR A 194 -30.29 -15.75 -4.64
CA THR A 194 -31.25 -16.67 -5.22
C THR A 194 -32.26 -17.19 -4.22
N LYS A 195 -31.92 -17.22 -2.93
CA LYS A 195 -32.77 -17.82 -1.89
C LYS A 195 -33.08 -19.27 -2.20
N SER A 196 -32.21 -19.90 -2.98
CA SER A 196 -32.34 -21.29 -3.41
C SER A 196 -31.27 -22.15 -2.74
N PRO A 197 -31.40 -23.47 -2.78
CA PRO A 197 -30.33 -24.33 -2.24
C PRO A 197 -29.00 -24.06 -2.95
N VAL A 198 -27.92 -23.98 -2.16
CA VAL A 198 -26.59 -23.82 -2.72
C VAL A 198 -25.69 -24.90 -2.13
N LEU A 199 -25.07 -25.68 -3.00
CA LEU A 199 -24.08 -26.67 -2.63
C LEU A 199 -22.73 -26.24 -3.18
N ALA A 200 -21.66 -26.71 -2.54
CA ALA A 200 -20.32 -26.33 -2.97
C ALA A 200 -19.39 -27.53 -2.90
N LEU A 201 -18.73 -27.81 -4.01
CA LEU A 201 -17.78 -28.88 -4.11
C LEU A 201 -16.38 -28.32 -3.91
N ASP A 202 -15.68 -28.85 -2.93
CA ASP A 202 -14.25 -28.63 -2.77
C ASP A 202 -13.51 -29.64 -3.63
N PRO A 203 -13.01 -29.25 -4.81
CA PRO A 203 -12.34 -30.23 -5.68
C PRO A 203 -11.04 -30.77 -5.13
N TYR A 204 -10.65 -30.38 -3.91
CA TYR A 204 -9.50 -30.92 -3.20
C TYR A 204 -9.91 -31.80 -2.04
N ASN A 205 -10.75 -31.29 -1.14
CA ASN A 205 -11.34 -32.12 -0.10
C ASN A 205 -12.20 -33.22 -0.67
N SER A 206 -12.64 -33.09 -1.92
CA SER A 206 -13.68 -33.94 -2.51
C SER A 206 -14.95 -33.92 -1.66
N GLU A 207 -15.10 -32.89 -0.83
CA GLU A 207 -16.25 -32.77 0.06
C GLU A 207 -17.25 -31.80 -0.57
N ILE A 208 -18.53 -32.16 -0.46
CA ILE A 208 -19.62 -31.27 -0.85
C ILE A 208 -20.29 -30.76 0.41
N ARG A 209 -20.45 -29.45 0.49
CA ARG A 209 -20.98 -28.81 1.68
C ARG A 209 -22.18 -27.95 1.31
N ASP A 210 -23.06 -27.76 2.29
CA ASP A 210 -24.16 -26.82 2.20
C ASP A 210 -23.69 -25.49 2.78
N ILE A 211 -24.12 -24.38 2.17
CA ILE A 211 -23.67 -23.08 2.61
C ILE A 211 -24.58 -22.45 3.65
N SER A 212 -25.77 -23.02 3.91
CA SER A 212 -26.75 -22.37 4.77
C SER A 212 -26.18 -22.07 6.15
N ALA A 213 -25.35 -22.98 6.69
CA ALA A 213 -24.85 -22.79 8.04
C ALA A 213 -23.89 -21.62 8.12
N PHE A 214 -22.91 -21.56 7.21
CA PHE A 214 -21.98 -20.44 7.15
C PHE A 214 -22.69 -19.12 6.93
N ALA A 215 -23.79 -19.14 6.15
CA ALA A 215 -24.49 -17.90 5.87
C ALA A 215 -25.11 -17.32 7.15
N ASP A 216 -25.77 -18.16 7.94
CA ASP A 216 -26.35 -17.67 9.18
C ASP A 216 -25.29 -17.18 10.14
N ARG A 217 -24.12 -17.84 10.15
N ARG A 217 -24.13 -17.86 10.16
CA ARG A 217 -23.06 -17.40 11.05
CA ARG A 217 -23.03 -17.42 11.02
C ARG A 217 -22.56 -16.01 10.66
C ARG A 217 -22.57 -16.02 10.65
N ILE A 218 -22.39 -15.75 9.36
CA ILE A 218 -21.95 -14.43 8.92
C ILE A 218 -23.03 -13.39 9.21
N LEU A 219 -24.29 -13.72 8.94
CA LEU A 219 -25.35 -12.72 9.11
C LEU A 219 -25.51 -12.33 10.58
N ARG A 220 -25.28 -13.28 11.48
CA ARG A 220 -25.33 -12.94 12.91
C ARG A 220 -24.24 -11.95 13.27
N ILE A 221 -23.09 -12.06 12.62
CA ILE A 221 -22.01 -11.10 12.84
C ILE A 221 -22.38 -9.75 12.23
N ARG A 222 -22.94 -9.76 11.01
CA ARG A 222 -23.33 -8.51 10.38
C ARG A 222 -24.40 -7.81 11.23
N PHE A 223 -25.34 -8.59 11.78
CA PHE A 223 -26.35 -7.99 12.64
C PHE A 223 -25.73 -7.29 13.83
N ALA A 224 -24.75 -7.94 14.48
CA ALA A 224 -24.13 -7.37 15.66
C ALA A 224 -23.34 -6.12 15.32
N ARG A 225 -22.66 -6.10 14.17
CA ARG A 225 -21.91 -4.91 13.77
C ARG A 225 -22.85 -3.75 13.47
N ILE A 226 -23.95 -4.02 12.76
CA ILE A 226 -24.95 -3.00 12.49
C ILE A 226 -25.56 -2.47 13.79
N THR A 227 -25.80 -3.35 14.78
CA THR A 227 -26.37 -2.86 16.02
C THR A 227 -25.44 -1.85 16.68
N LYS A 228 -24.14 -2.13 16.66
CA LYS A 228 -23.14 -1.19 17.18
C LYS A 228 -23.13 0.11 16.37
N ALA A 229 -23.18 0.00 15.04
CA ALA A 229 -23.11 1.19 14.20
C ALA A 229 -24.31 2.12 14.38
N ARG A 230 -25.41 1.64 14.93
CA ARG A 230 -26.54 2.54 15.14
C ARG A 230 -26.23 3.63 16.17
N GLU A 231 -25.22 3.46 17.00
CA GLU A 231 -24.83 4.48 17.95
C GLU A 231 -23.80 5.45 17.38
N ALA A 232 -23.32 5.22 16.16
CA ALA A 232 -22.30 6.08 15.56
C ALA A 232 -22.84 7.49 15.29
N GLU A 233 -22.02 8.49 15.62
CA GLU A 233 -22.30 9.89 15.33
C GLU A 233 -21.43 10.47 14.22
N LYS A 234 -20.24 9.90 14.01
CA LYS A 234 -19.27 10.42 13.06
C LYS A 234 -18.70 9.23 12.29
N TRP A 235 -18.61 9.38 10.97
CA TRP A 235 -18.33 8.27 10.08
C TRP A 235 -17.16 8.57 9.17
N GLY A 236 -16.42 7.52 8.83
CA GLY A 236 -15.48 7.56 7.71
C GLY A 236 -16.07 6.79 6.54
N ILE A 237 -15.89 7.33 5.34
CA ILE A 237 -16.31 6.67 4.11
C ILE A 237 -15.04 6.29 3.37
N ILE A 238 -14.80 5.01 3.17
CA ILE A 238 -13.52 4.55 2.65
C ILE A 238 -13.62 4.38 1.15
N VAL A 239 -12.69 5.03 0.42
CA VAL A 239 -12.54 4.91 -1.02
C VAL A 239 -11.19 4.28 -1.30
N SER A 240 -11.10 3.40 -2.31
CA SER A 240 -9.82 2.88 -2.78
C SER A 240 -9.49 3.48 -4.14
N SER A 241 -8.22 3.84 -4.32
CA SER A 241 -7.75 4.33 -5.60
C SER A 241 -7.53 3.21 -6.61
N LYS A 242 -7.65 1.95 -6.20
CA LYS A 242 -7.54 0.85 -7.15
C LYS A 242 -8.62 0.99 -8.22
N GLU A 243 -8.21 0.85 -9.49
CA GLU A 243 -9.04 1.31 -10.60
C GLU A 243 -10.40 0.63 -10.62
N GLY A 244 -10.45 -0.70 -10.45
CA GLY A 244 -11.74 -1.37 -10.44
C GLY A 244 -12.57 -1.17 -9.19
N GLN A 245 -11.97 -0.64 -8.11
CA GLN A 245 -12.65 -0.46 -6.83
C GLN A 245 -13.12 0.97 -6.60
N TYR A 246 -12.74 1.89 -7.46
CA TYR A 246 -12.91 3.32 -7.19
C TYR A 246 -14.36 3.71 -7.41
N ARG A 247 -15.00 4.24 -6.36
CA ARG A 247 -16.41 4.59 -6.40
C ARG A 247 -16.60 5.91 -5.65
N MET A 248 -15.95 6.96 -6.14
CA MET A 248 -16.04 8.28 -5.50
C MET A 248 -17.45 8.87 -5.60
N LYS A 249 -18.16 8.62 -6.71
CA LYS A 249 -19.52 9.13 -6.82
C LYS A 249 -20.40 8.56 -5.71
N LEU A 250 -20.30 7.26 -5.48
CA LEU A 250 -21.01 6.62 -4.37
C LEU A 250 -20.57 7.20 -3.04
N ALA A 251 -19.26 7.40 -2.86
CA ALA A 251 -18.76 7.91 -1.59
C ALA A 251 -19.39 9.27 -1.28
N LYS A 252 -19.48 10.14 -2.27
CA LYS A 252 -20.07 11.45 -2.05
C LYS A 252 -21.57 11.35 -1.82
N GLU A 253 -22.23 10.39 -2.46
CA GLU A 253 -23.66 10.18 -2.19
C GLU A 253 -23.88 9.75 -0.74
N ILE A 254 -23.03 8.85 -0.24
CA ILE A 254 -23.15 8.38 1.13
C ILE A 254 -22.87 9.52 2.11
N LYS A 255 -21.88 10.36 1.82
CA LYS A 255 -21.59 11.52 2.66
C LYS A 255 -22.83 12.41 2.82
N LYS A 256 -23.49 12.75 1.70
CA LYS A 256 -24.69 13.57 1.78
C LYS A 256 -25.79 12.87 2.58
N ILE A 257 -25.94 11.55 2.40
CA ILE A 257 -26.96 10.82 3.13
C ILE A 257 -26.71 10.90 4.64
N LEU A 258 -25.46 10.68 5.06
CA LEU A 258 -25.15 10.74 6.47
C LEU A 258 -25.35 12.14 7.04
N GLU A 259 -24.94 13.17 6.29
CA GLU A 259 -25.15 14.54 6.75
C GLU A 259 -26.63 14.90 6.78
N ASP A 260 -27.40 14.39 5.81
CA ASP A 260 -28.86 14.58 5.86
C ASP A 260 -29.46 13.92 7.08
N ASN A 261 -28.81 12.87 7.58
CA ASN A 261 -29.25 12.23 8.82
C ASN A 261 -28.54 12.79 10.04
N LYS A 262 -28.04 14.04 9.93
CA LYS A 262 -27.49 14.78 11.06
C LYS A 262 -26.26 14.11 11.68
N MET A 263 -25.43 13.52 10.83
CA MET A 263 -24.18 12.94 11.28
C MET A 263 -23.02 13.53 10.48
N GLU A 264 -21.81 13.40 11.02
CA GLU A 264 -20.61 13.86 10.33
C GLU A 264 -20.03 12.71 9.50
N ALA A 265 -19.47 13.04 8.35
CA ALA A 265 -18.90 12.00 7.51
C ALA A 265 -17.72 12.56 6.74
N TYR A 266 -16.64 11.78 6.69
CA TYR A 266 -15.38 12.18 6.06
C TYR A 266 -14.92 11.09 5.11
N ILE A 267 -14.61 11.47 3.88
CA ILE A 267 -14.11 10.52 2.90
C ILE A 267 -12.61 10.33 3.12
N ILE A 268 -12.18 9.06 3.15
CA ILE A 268 -10.79 8.67 3.30
C ILE A 268 -10.46 7.79 2.12
N MET A 269 -9.41 8.15 1.37
CA MET A 269 -9.01 7.39 0.20
C MET A 269 -7.65 6.77 0.44
N ALA A 270 -7.53 5.49 0.15
CA ALA A 270 -6.27 4.78 0.25
C ALA A 270 -6.21 3.76 -0.87
N ASP A 271 -5.01 3.22 -1.09
CA ASP A 271 -4.82 2.12 -2.01
C ASP A 271 -5.27 0.84 -1.32
N ASN A 272 -4.43 0.30 -0.45
CA ASN A 272 -4.78 -0.87 0.35
C ASN A 272 -5.41 -0.44 1.66
N ILE A 273 -6.54 -1.07 1.97
CA ILE A 273 -7.31 -0.77 3.18
C ILE A 273 -6.91 -1.77 4.24
N ASN A 274 -6.58 -1.29 5.44
CA ASN A 274 -6.21 -2.18 6.54
C ASN A 274 -6.48 -1.45 7.85
N PRO A 275 -6.53 -2.18 8.98
CA PRO A 275 -6.82 -1.52 10.26
C PRO A 275 -5.89 -0.38 10.61
N ASP A 276 -4.59 -0.53 10.32
CA ASP A 276 -3.61 0.46 10.74
C ASP A 276 -3.86 1.83 10.13
N ILE A 277 -4.37 1.88 8.90
CA ILE A 277 -4.58 3.21 8.31
C ILE A 277 -5.81 3.90 8.88
N LEU A 278 -6.67 3.20 9.62
CA LEU A 278 -7.85 3.83 10.22
C LEU A 278 -7.62 4.26 11.66
N LEU A 279 -6.59 3.74 12.32
CA LEU A 279 -6.28 4.08 13.71
C LEU A 279 -6.19 5.57 14.03
N PRO A 280 -5.61 6.43 13.19
CA PRO A 280 -5.43 7.83 13.62
C PRO A 280 -6.73 8.61 13.79
N TYR A 281 -7.82 8.20 13.14
CA TYR A 281 -9.04 9.01 13.09
C TYR A 281 -9.94 8.67 14.26
N MET A 282 -9.48 9.07 15.45
CA MET A 282 -10.11 8.63 16.69
C MET A 282 -11.53 9.17 16.87
N GLU A 283 -11.89 10.28 16.21
CA GLU A 283 -13.25 10.80 16.31
C GLU A 283 -14.28 9.90 15.65
N LEU A 284 -13.86 9.09 14.68
CA LEU A 284 -14.79 8.35 13.84
C LEU A 284 -15.27 7.10 14.56
N ASP A 285 -16.59 6.91 14.59
CA ASP A 285 -17.20 5.79 15.30
C ASP A 285 -17.37 4.57 14.43
N ALA A 286 -17.54 4.74 13.12
CA ALA A 286 -17.80 3.61 12.22
C ALA A 286 -17.41 4.03 10.82
N PHE A 287 -17.37 3.04 9.91
CA PHE A 287 -16.91 3.27 8.56
C PHE A 287 -17.82 2.57 7.56
N VAL A 288 -18.05 3.21 6.41
CA VAL A 288 -18.71 2.59 5.25
C VAL A 288 -17.68 2.41 4.14
N VAL A 289 -17.66 1.23 3.54
CA VAL A 289 -16.65 0.89 2.53
C VAL A 289 -17.26 1.05 1.15
N SER A 290 -16.72 1.99 0.37
CA SER A 290 -17.08 2.10 -1.04
C SER A 290 -16.10 1.36 -1.94
N ALA A 291 -15.10 0.70 -1.38
CA ALA A 291 -14.15 -0.03 -2.18
C ALA A 291 -14.64 -1.46 -2.39
N CYS A 292 -13.72 -2.43 -2.49
CA CYS A 292 -14.06 -3.84 -2.59
C CYS A 292 -15.22 -4.26 -1.68
N PRO A 293 -16.30 -4.79 -2.26
CA PRO A 293 -17.44 -5.24 -1.45
C PRO A 293 -17.11 -6.33 -0.43
N ARG A 294 -15.98 -7.03 -0.59
CA ARG A 294 -15.70 -8.12 0.33
C ARG A 294 -15.05 -7.66 1.62
N ILE A 295 -14.46 -6.47 1.64
CA ILE A 295 -13.71 -6.02 2.82
C ILE A 295 -14.59 -6.04 4.06
N ALA A 296 -15.75 -5.36 3.98
CA ALA A 296 -16.60 -5.26 5.16
C ALA A 296 -17.06 -6.63 5.65
N ILE A 297 -17.26 -7.58 4.75
CA ILE A 297 -17.77 -8.91 5.12
C ILE A 297 -16.65 -9.84 5.55
N ASP A 298 -15.57 -9.90 4.78
CA ASP A 298 -14.56 -10.92 4.99
C ASP A 298 -13.50 -10.54 6.00
N ASP A 299 -13.25 -9.24 6.19
CA ASP A 299 -12.17 -8.78 7.06
C ASP A 299 -12.66 -8.10 8.33
N SER A 300 -13.96 -8.11 8.61
CA SER A 300 -14.50 -7.24 9.65
C SER A 300 -13.89 -7.53 11.02
N GLN A 301 -13.57 -8.81 11.31
CA GLN A 301 -13.01 -9.16 12.61
C GLN A 301 -11.64 -8.54 12.85
N MET A 302 -10.98 -8.04 11.79
CA MET A 302 -9.70 -7.37 11.97
C MET A 302 -9.84 -5.94 12.48
N TYR A 303 -11.05 -5.37 12.48
CA TYR A 303 -11.26 -3.98 12.83
C TYR A 303 -12.08 -3.86 14.11
N LYS A 304 -11.63 -3.01 15.03
CA LYS A 304 -12.37 -2.76 16.27
C LYS A 304 -13.71 -2.10 15.99
N LYS A 305 -13.70 -1.00 15.23
CA LYS A 305 -14.92 -0.28 14.89
C LYS A 305 -15.67 -0.97 13.75
N PRO A 306 -16.99 -0.77 13.65
CA PRO A 306 -17.76 -1.40 12.57
C PRO A 306 -17.35 -0.88 11.20
N LEU A 307 -17.17 -1.81 10.26
CA LEU A 307 -17.01 -1.50 8.84
C LEU A 307 -18.20 -2.09 8.12
N LEU A 308 -18.92 -1.25 7.37
CA LEU A 308 -20.19 -1.62 6.78
C LEU A 308 -20.16 -1.45 5.27
N THR A 309 -20.94 -2.30 4.58
CA THR A 309 -21.27 -2.02 3.19
C THR A 309 -22.29 -0.89 3.11
N PRO A 310 -22.47 -0.28 1.94
CA PRO A 310 -23.53 0.72 1.82
C PRO A 310 -24.89 0.14 2.10
N GLN A 311 -25.11 -1.12 1.71
CA GLN A 311 -26.42 -1.72 1.94
C GLN A 311 -26.67 -1.90 3.42
N GLU A 312 -25.63 -2.24 4.17
CA GLU A 312 -25.72 -2.36 5.61
C GLU A 312 -25.90 -1.00 6.26
N LEU A 313 -25.27 0.05 5.71
CA LEU A 313 -25.61 1.39 6.19
C LEU A 313 -27.09 1.69 5.99
N GLU A 314 -27.68 1.22 4.88
CA GLU A 314 -29.11 1.40 4.70
C GLU A 314 -29.90 0.72 5.82
N ILE A 315 -29.43 -0.42 6.32
CA ILE A 315 -30.14 -1.05 7.44
C ILE A 315 -29.99 -0.19 8.70
N VAL A 316 -28.80 0.37 8.91
CA VAL A 316 -28.60 1.25 10.07
C VAL A 316 -29.61 2.38 10.06
N LEU A 317 -29.82 2.97 8.89
CA LEU A 317 -30.70 4.12 8.73
C LEU A 317 -32.16 3.72 8.55
N ASN A 318 -32.49 2.44 8.71
N ASN A 318 -32.50 2.45 8.72
CA ASN A 318 -33.87 1.96 8.62
CA ASN A 318 -33.89 1.97 8.64
C ASN A 318 -34.46 2.15 7.23
C ASN A 318 -34.48 2.20 7.23
N LYS A 319 -33.60 2.24 6.23
CA LYS A 319 -34.02 2.32 4.83
C LYS A 319 -34.07 0.95 4.16
N ARG A 320 -33.44 -0.06 4.75
CA ARG A 320 -33.43 -1.43 4.24
C ARG A 320 -33.74 -2.38 5.40
N GLN A 321 -34.68 -3.29 5.17
CA GLN A 321 -35.04 -4.25 6.20
C GLN A 321 -34.18 -5.51 6.09
N TRP A 322 -34.04 -6.20 7.23
CA TRP A 322 -33.19 -7.39 7.28
C TRP A 322 -33.58 -8.45 6.25
N GLU A 323 -34.88 -8.65 6.02
CA GLU A 323 -35.30 -9.65 5.05
C GLU A 323 -34.81 -9.34 3.64
N ASN A 324 -34.40 -8.08 3.40
CA ASN A 324 -33.83 -7.68 2.12
C ASN A 324 -32.35 -7.40 2.23
N TYR A 325 -31.68 -7.99 3.23
CA TYR A 325 -30.23 -7.92 3.29
C TYR A 325 -29.64 -8.31 1.94
N GLN A 326 -28.64 -7.55 1.51
CA GLN A 326 -28.07 -7.74 0.18
C GLN A 326 -26.58 -7.44 0.22
N LEU A 327 -25.79 -8.28 -0.44
CA LEU A 327 -24.36 -8.00 -0.59
C LEU A 327 -24.12 -6.82 -1.52
N ASP A 328 -23.00 -6.14 -1.33
CA ASP A 328 -22.61 -5.05 -2.20
C ASP A 328 -22.01 -5.59 -3.50
N GLU A 329 -22.17 -4.84 -4.60
CA GLU A 329 -21.63 -5.22 -5.89
C GLU A 329 -21.09 -3.99 -6.62
N ILE A 330 -20.14 -4.23 -7.53
CA ILE A 330 -19.60 -3.22 -8.42
C ILE A 330 -19.96 -3.60 -9.86
N LEU A 331 -20.64 -2.70 -10.57
CA LEU A 331 -21.10 -2.97 -11.93
C LEU A 331 -20.56 -1.93 -12.90
N PHE A 332 -20.08 -2.39 -14.05
CA PHE A 332 -19.55 -1.50 -15.08
C PHE A 332 -20.46 -1.47 -16.30
N SER B 5 -2.45 22.57 20.28
CA SER B 5 -1.91 21.73 19.21
C SER B 5 -0.39 21.64 19.32
N MET B 6 0.19 20.54 18.86
CA MET B 6 1.64 20.40 18.91
C MET B 6 2.34 21.06 17.73
N TYR B 7 1.63 21.34 16.65
CA TYR B 7 2.19 21.87 15.42
C TYR B 7 1.26 22.93 14.85
N ASN B 8 1.85 23.99 14.30
CA ASN B 8 1.06 25.04 13.67
C ASN B 8 0.50 24.51 12.36
N MET B 9 -0.80 24.25 12.31
CA MET B 9 -1.37 23.68 11.10
C MET B 9 -1.81 24.74 10.10
N ASP B 10 -1.65 26.03 10.42
CA ASP B 10 -1.79 27.12 9.45
C ASP B 10 -3.16 27.08 8.78
N LEU B 11 -4.19 26.83 9.59
CA LEU B 11 -5.51 26.53 9.04
C LEU B 11 -6.11 27.73 8.30
N ASP B 12 -5.95 28.93 8.86
CA ASP B 12 -6.51 30.12 8.22
C ASP B 12 -5.92 30.34 6.84
N LYS B 13 -4.64 30.02 6.66
CA LYS B 13 -4.01 30.21 5.36
C LYS B 13 -4.49 29.17 4.36
N VAL B 14 -4.59 27.92 4.79
CA VAL B 14 -5.11 26.86 3.92
C VAL B 14 -6.50 27.21 3.43
N ILE B 15 -7.35 27.70 4.34
CA ILE B 15 -8.72 28.04 3.97
C ILE B 15 -8.73 29.22 3.01
N ARG B 16 -7.95 30.26 3.33
CA ARG B 16 -7.75 31.37 2.41
C ARG B 16 -7.31 30.87 1.04
N LYS B 17 -6.36 29.94 1.01
CA LYS B 17 -5.86 29.44 -0.27
C LYS B 17 -6.92 28.65 -1.03
N ILE B 18 -7.70 27.84 -0.32
CA ILE B 18 -8.72 27.02 -0.99
C ILE B 18 -9.73 27.91 -1.68
N ASN B 19 -10.25 28.91 -0.96
CA ASN B 19 -11.31 29.75 -1.52
C ASN B 19 -10.81 30.53 -2.73
N LYS B 20 -9.61 31.09 -2.66
CA LYS B 20 -9.10 31.88 -3.78
C LYS B 20 -8.93 31.01 -5.03
N LYS B 21 -8.47 29.77 -4.86
CA LYS B 21 -8.25 28.89 -6.00
C LYS B 21 -9.56 28.30 -6.53
N GLY B 22 -10.64 28.38 -5.77
CA GLY B 22 -11.91 27.84 -6.22
C GLY B 22 -12.01 26.34 -6.19
N ALA B 23 -11.21 25.68 -5.37
CA ALA B 23 -11.19 24.22 -5.32
C ALA B 23 -12.54 23.69 -4.83
N ARG B 24 -13.08 22.70 -5.54
CA ARG B 24 -14.28 22.00 -5.11
C ARG B 24 -13.99 20.71 -4.36
N THR B 25 -12.89 20.01 -4.68
CA THR B 25 -12.46 18.84 -3.93
C THR B 25 -11.01 19.06 -3.54
N VAL B 26 -10.70 18.85 -2.25
CA VAL B 26 -9.38 19.10 -1.70
C VAL B 26 -8.87 17.82 -1.04
N GLY B 27 -7.68 17.37 -1.41
CA GLY B 27 -7.04 16.27 -0.71
C GLY B 27 -6.13 16.78 0.39
N LEU B 28 -6.02 15.98 1.46
CA LEU B 28 -5.15 16.28 2.59
C LEU B 28 -4.15 15.15 2.77
N GLN B 29 -2.86 15.48 2.85
CA GLN B 29 -1.83 14.49 3.08
C GLN B 29 -1.02 14.82 4.33
N PHE B 30 -0.90 13.84 5.23
CA PHE B 30 -0.21 13.98 6.51
C PHE B 30 0.81 12.86 6.69
N PRO B 31 1.96 13.16 7.27
CA PRO B 31 2.81 12.08 7.76
C PRO B 31 2.21 11.49 9.02
N GLU B 32 2.71 10.31 9.39
CA GLU B 32 2.20 9.54 10.52
C GLU B 32 1.86 10.41 11.73
N GLY B 33 2.82 11.21 12.18
CA GLY B 33 2.63 12.00 13.40
C GLY B 33 1.57 13.08 13.31
N LEU B 34 1.07 13.41 12.13
CA LEU B 34 0.08 14.46 11.98
C LEU B 34 -1.30 13.96 11.57
N LYS B 35 -1.45 12.67 11.26
CA LYS B 35 -2.72 12.18 10.73
C LYS B 35 -3.88 12.37 11.72
N MET B 36 -3.61 12.30 13.02
CA MET B 36 -4.70 12.41 13.99
C MET B 36 -5.40 13.76 13.95
N GLN B 37 -4.85 14.76 13.26
CA GLN B 37 -5.50 16.05 13.10
C GLN B 37 -6.35 16.14 11.84
N ALA B 38 -6.48 15.05 11.08
CA ALA B 38 -7.13 15.11 9.76
C ALA B 38 -8.60 15.50 9.88
N VAL B 39 -9.32 14.92 10.83
CA VAL B 39 -10.77 15.17 10.90
C VAL B 39 -11.03 16.62 11.28
N LYS B 40 -10.30 17.14 12.26
CA LYS B 40 -10.53 18.53 12.68
C LYS B 40 -10.27 19.50 11.53
N ILE B 41 -9.25 19.21 10.71
CA ILE B 41 -8.91 20.08 9.59
C ILE B 41 -9.94 19.93 8.47
N ALA B 42 -10.31 18.69 8.13
CA ALA B 42 -11.38 18.49 7.16
C ALA B 42 -12.66 19.18 7.60
N LYS B 43 -13.00 19.08 8.88
CA LYS B 43 -14.23 19.70 9.38
C LYS B 43 -14.19 21.21 9.20
N ALA B 44 -13.04 21.83 9.48
CA ALA B 44 -12.93 23.28 9.35
C ALA B 44 -12.98 23.73 7.89
N ILE B 45 -12.28 23.01 7.01
CA ILE B 45 -12.28 23.35 5.59
C ILE B 45 -13.70 23.28 5.03
N GLU B 46 -14.41 22.19 5.34
CA GLU B 46 -15.76 22.02 4.81
C GLU B 46 -16.75 23.00 5.42
N SER B 47 -16.46 23.50 6.62
CA SER B 47 -17.33 24.50 7.23
C SER B 47 -17.10 25.88 6.62
N GLN B 48 -15.88 26.19 6.16
CA GLN B 48 -15.53 27.55 5.77
C GLN B 48 -15.33 27.73 4.28
N THR B 49 -15.42 26.67 3.50
CA THR B 49 -15.30 26.68 2.04
C THR B 49 -16.38 25.77 1.48
N PRO B 50 -16.69 25.89 0.19
CA PRO B 50 -17.60 24.93 -0.45
C PRO B 50 -16.96 23.61 -0.86
N ALA B 51 -15.72 23.33 -0.48
CA ALA B 51 -15.05 22.14 -0.96
C ALA B 51 -15.42 20.92 -0.13
N THR B 52 -15.33 19.76 -0.77
CA THR B 52 -15.36 18.47 -0.08
C THR B 52 -13.91 17.99 0.09
N VAL B 53 -13.61 17.48 1.28
CA VAL B 53 -12.25 17.05 1.59
C VAL B 53 -12.12 15.56 1.37
N ILE B 54 -10.99 15.14 0.80
CA ILE B 54 -10.61 13.72 0.74
C ILE B 54 -9.36 13.56 1.58
N ILE B 55 -9.43 12.77 2.65
CA ILE B 55 -8.26 12.53 3.49
C ILE B 55 -7.48 11.40 2.84
N SER B 56 -6.19 11.64 2.54
CA SER B 56 -5.36 10.56 2.03
C SER B 56 -5.02 9.62 3.17
N GLY B 57 -5.49 8.37 3.09
CA GLY B 57 -5.27 7.41 4.15
C GLY B 57 -3.98 6.64 4.03
N ASP B 58 -3.32 6.74 2.90
CA ASP B 58 -2.10 5.98 2.66
C ASP B 58 -0.99 6.48 3.58
N PRO B 59 -0.04 5.63 3.90
CA PRO B 59 1.14 6.07 4.66
C PRO B 59 1.88 7.12 3.86
N CYS B 60 2.40 8.12 4.57
CA CYS B 60 3.12 9.21 3.92
C CYS B 60 4.37 9.48 4.74
N PHE B 61 5.54 9.35 4.11
CA PHE B 61 6.81 9.45 4.80
C PHE B 61 7.61 10.70 4.46
N GLY B 62 7.28 11.40 3.38
CA GLY B 62 8.10 12.53 2.98
C GLY B 62 7.49 13.23 1.78
N ALA B 63 8.23 14.22 1.28
CA ALA B 63 7.80 14.87 0.04
C ALA B 63 7.98 13.96 -1.16
N CYS B 64 8.73 12.86 -0.99
CA CYS B 64 8.89 11.82 -1.99
C CYS B 64 7.61 11.03 -2.21
N ASP B 65 6.61 11.26 -1.39
CA ASP B 65 5.48 10.37 -1.18
C ASP B 65 4.16 11.12 -1.30
N VAL B 66 4.10 12.06 -2.24
CA VAL B 66 2.88 12.81 -2.52
C VAL B 66 1.89 11.92 -3.25
N SER B 67 0.60 12.06 -2.92
CA SER B 67 -0.46 11.23 -3.48
C SER B 67 -1.05 11.80 -4.76
N ASP B 68 -0.27 12.56 -5.54
CA ASP B 68 -0.82 13.22 -6.73
C ASP B 68 -1.17 12.22 -7.82
N TYR B 69 -0.43 11.11 -7.90
CA TYR B 69 -0.80 10.06 -8.84
C TYR B 69 -2.10 9.39 -8.42
N LYS B 70 -2.21 9.01 -7.15
CA LYS B 70 -3.40 8.31 -6.68
C LYS B 70 -4.62 9.23 -6.66
N MET B 71 -4.44 10.49 -6.27
CA MET B 71 -5.54 11.43 -6.17
C MET B 71 -5.91 12.06 -7.51
N LYS B 72 -5.17 11.73 -8.57
CA LYS B 72 -5.31 12.43 -9.85
C LYS B 72 -6.70 12.25 -10.40
N GLY B 73 -7.33 13.38 -10.73
CA GLY B 73 -8.71 13.39 -11.15
C GLY B 73 -9.71 13.38 -10.02
N SER B 74 -9.27 13.16 -8.78
CA SER B 74 -10.21 13.17 -7.67
C SER B 74 -10.27 14.51 -6.98
N VAL B 75 -9.17 15.27 -6.95
CA VAL B 75 -9.08 16.50 -6.18
C VAL B 75 -8.51 17.59 -7.06
N ASP B 76 -8.94 18.83 -6.79
CA ASP B 76 -8.42 20.00 -7.49
C ASP B 76 -7.18 20.57 -6.84
N LEU B 77 -6.96 20.26 -5.56
CA LEU B 77 -5.82 20.76 -4.82
C LEU B 77 -5.48 19.74 -3.74
N ILE B 78 -4.20 19.63 -3.44
CA ILE B 78 -3.70 18.80 -2.36
C ILE B 78 -3.01 19.71 -1.35
N VAL B 79 -3.37 19.58 -0.08
CA VAL B 79 -2.65 20.24 1.00
C VAL B 79 -1.78 19.18 1.68
N HIS B 80 -0.46 19.40 1.67
CA HIS B 80 0.54 18.44 2.13
C HIS B 80 1.26 19.03 3.34
N TYR B 81 1.26 18.32 4.46
CA TYR B 81 1.79 18.85 5.73
C TYR B 81 3.10 18.19 6.14
N GLY B 82 3.98 18.99 6.75
CA GLY B 82 5.12 18.47 7.47
C GLY B 82 6.40 18.37 6.67
N HIS B 83 6.39 18.72 5.39
CA HIS B 83 7.52 18.51 4.50
C HIS B 83 7.74 19.72 3.63
N THR B 84 8.99 19.96 3.28
CA THR B 84 9.20 20.97 2.23
C THR B 84 9.23 20.28 0.87
N PRO B 85 8.68 20.90 -0.17
CA PRO B 85 8.54 20.22 -1.46
C PRO B 85 9.89 19.80 -2.05
N LEU B 86 9.87 18.70 -2.78
CA LEU B 86 10.99 18.26 -3.59
C LEU B 86 10.85 18.81 -5.00
N PRO B 87 11.96 18.88 -5.76
CA PRO B 87 11.87 19.35 -7.15
C PRO B 87 11.27 18.30 -8.08
N LEU B 88 10.04 17.92 -7.78
CA LEU B 88 9.28 16.99 -8.59
C LEU B 88 8.21 17.75 -9.35
N LYS B 89 7.70 17.13 -10.39
CA LYS B 89 6.63 17.70 -11.20
C LYS B 89 5.32 17.15 -10.64
N TYR B 90 4.68 17.90 -9.77
CA TYR B 90 3.44 17.47 -9.15
C TYR B 90 2.30 17.59 -10.15
N GLU B 91 1.59 16.49 -10.38
CA GLU B 91 0.45 16.50 -11.29
C GLU B 91 -0.63 17.44 -10.76
N VAL B 92 -1.28 17.03 -9.68
CA VAL B 92 -2.28 17.88 -9.01
C VAL B 92 -1.56 19.06 -8.37
N PRO B 93 -2.07 20.29 -8.51
CA PRO B 93 -1.51 21.41 -7.76
C PRO B 93 -1.52 21.14 -6.26
N THR B 94 -0.42 21.48 -5.60
CA THR B 94 -0.21 21.12 -4.21
C THR B 94 0.20 22.33 -3.40
N LEU B 95 -0.22 22.35 -2.14
CA LEU B 95 0.11 23.41 -1.19
C LEU B 95 0.84 22.77 -0.02
N PHE B 96 2.10 23.15 0.19
CA PHE B 96 2.94 22.54 1.21
C PHE B 96 2.93 23.40 2.46
N ILE B 97 2.51 22.83 3.59
CA ILE B 97 2.45 23.52 4.86
C ILE B 97 3.49 22.90 5.78
N GLU B 98 4.36 23.74 6.35
CA GLU B 98 5.49 23.20 7.10
C GLU B 98 5.06 22.43 8.34
N ALA B 99 3.99 22.87 9.02
CA ALA B 99 3.58 22.30 10.31
C ALA B 99 4.69 22.47 11.36
N PHE B 100 5.04 23.73 11.60
CA PHE B 100 6.10 24.04 12.55
C PHE B 100 5.73 23.58 13.95
N SER B 101 6.72 23.03 14.67
CA SER B 101 6.51 22.59 16.05
C SER B 101 6.13 23.76 16.95
N ASN B 102 5.13 23.54 17.81
CA ASN B 102 4.69 24.51 18.81
C ASN B 102 5.50 24.29 20.09
N ILE B 103 6.76 24.68 20.00
CA ILE B 103 7.75 24.55 21.05
C ILE B 103 8.33 25.94 21.30
N ASP B 104 8.52 26.28 22.58
CA ASP B 104 9.33 27.42 22.99
C ASP B 104 10.69 26.87 23.43
N VAL B 105 11.73 27.13 22.63
CA VAL B 105 13.03 26.52 22.88
C VAL B 105 13.86 27.26 23.92
N LYS B 106 13.34 28.36 24.47
CA LYS B 106 14.09 29.16 25.42
C LYS B 106 14.61 28.31 26.58
N LYS B 107 13.79 27.39 27.10
CA LYS B 107 14.17 26.61 28.26
C LYS B 107 15.41 25.76 28.03
N ASP B 108 15.83 25.55 26.79
CA ASP B 108 16.95 24.66 26.50
C ASP B 108 18.19 25.37 26.00
N LEU B 109 18.18 26.70 25.96
CA LEU B 109 19.29 27.41 25.33
C LEU B 109 20.55 27.33 26.17
N GLU B 110 20.44 27.60 27.48
CA GLU B 110 21.62 27.53 28.34
C GLU B 110 22.20 26.11 28.37
N LYS B 111 21.34 25.09 28.33
CA LYS B 111 21.82 23.71 28.33
C LYS B 111 22.60 23.41 27.05
N CYS B 112 22.17 23.95 25.92
CA CYS B 112 22.90 23.78 24.67
C CYS B 112 24.26 24.45 24.74
N LEU B 113 24.29 25.68 25.23
CA LEU B 113 25.56 26.40 25.40
C LEU B 113 26.51 25.63 26.32
N GLU B 114 25.98 25.05 27.40
CA GLU B 114 26.83 24.30 28.32
C GLU B 114 27.50 23.13 27.62
N LYS B 115 26.77 22.41 26.77
CA LYS B 115 27.31 21.28 26.05
C LYS B 115 28.29 21.68 24.95
N LEU B 116 28.36 22.96 24.60
CA LEU B 116 29.20 23.44 23.50
C LEU B 116 30.38 24.28 23.99
N GLU B 117 30.79 24.09 25.25
CA GLU B 117 31.85 24.90 25.85
C GLU B 117 33.18 24.70 25.15
N ASP B 118 33.46 23.47 24.70
CA ASP B 118 34.75 23.16 24.09
C ASP B 118 34.89 23.73 22.68
N TYR B 119 33.85 24.33 22.11
CA TYR B 119 33.84 24.67 20.70
C TYR B 119 33.55 26.14 20.48
N SER B 120 34.16 26.69 19.43
CA SER B 120 33.96 28.06 19.00
C SER B 120 33.07 28.18 17.76
N LYS B 121 33.26 27.30 16.77
CA LYS B 121 32.53 27.34 15.52
C LYS B 121 31.54 26.19 15.48
N ILE B 122 30.25 26.52 15.44
CA ILE B 122 29.17 25.57 15.63
C ILE B 122 28.25 25.59 14.42
N ALA B 123 27.93 24.41 13.90
CA ALA B 123 26.94 24.32 12.84
C ALA B 123 25.59 23.91 13.43
N LEU B 124 24.52 24.54 12.95
CA LEU B 124 23.16 24.19 13.35
C LEU B 124 22.48 23.50 12.20
N VAL B 125 21.80 22.38 12.50
CA VAL B 125 21.15 21.58 11.47
C VAL B 125 19.81 21.12 12.00
N THR B 126 18.79 21.13 11.15
CA THR B 126 17.49 20.61 11.57
C THR B 126 16.70 20.19 10.33
N THR B 127 15.43 19.88 10.53
CA THR B 127 14.54 19.51 9.44
C THR B 127 13.34 20.45 9.46
N THR B 128 12.46 20.27 8.47
CA THR B 128 11.37 21.22 8.21
C THR B 128 10.67 21.71 9.48
N GLN B 129 10.20 20.77 10.31
CA GLN B 129 9.25 21.19 11.35
C GLN B 129 9.89 22.02 12.47
N HIS B 130 11.22 22.11 12.52
CA HIS B 130 11.89 22.89 13.55
C HIS B 130 12.72 24.04 12.97
N LEU B 131 12.54 24.35 11.68
CA LEU B 131 13.34 25.39 11.05
C LEU B 131 13.10 26.74 11.70
N HIS B 132 11.88 26.98 12.16
CA HIS B 132 11.54 28.25 12.79
C HIS B 132 12.28 28.47 14.11
N LEU B 133 12.83 27.42 14.71
CA LEU B 133 13.58 27.59 15.97
C LEU B 133 15.02 28.03 15.77
N LEU B 134 15.57 27.96 14.55
CA LEU B 134 17.01 28.06 14.40
C LEU B 134 17.52 29.46 14.73
N ASN B 135 16.78 30.51 14.32
CA ASN B 135 17.25 31.88 14.55
C ASN B 135 17.41 32.17 16.03
N GLU B 136 16.44 31.73 16.85
CA GLU B 136 16.55 31.98 18.28
C GLU B 136 17.77 31.27 18.85
N ILE B 137 18.01 30.03 18.42
CA ILE B 137 19.19 29.30 18.88
C ILE B 137 20.46 29.97 18.37
N LYS B 138 20.48 30.34 17.08
CA LYS B 138 21.67 30.95 16.51
C LYS B 138 21.99 32.28 17.20
N ASP B 139 20.97 33.12 17.40
CA ASP B 139 21.20 34.40 18.05
C ASP B 139 21.72 34.23 19.48
N TYR B 140 21.22 33.23 20.20
CA TYR B 140 21.65 33.01 21.57
C TYR B 140 23.12 32.61 21.62
N LEU B 141 23.52 31.65 20.78
CA LEU B 141 24.91 31.22 20.76
C LEU B 141 25.84 32.37 20.36
N GLU B 142 25.37 33.23 19.45
CA GLU B 142 26.19 34.36 19.02
C GLU B 142 26.32 35.41 20.12
N ASP B 143 25.25 35.61 20.90
CA ASP B 143 25.35 36.51 22.04
C ASP B 143 26.33 36.00 23.08
N ASN B 144 26.63 34.70 23.05
CA ASN B 144 27.50 34.05 24.01
C ASN B 144 28.82 33.60 23.39
N GLY B 145 29.30 34.32 22.38
CA GLY B 145 30.66 34.19 21.91
C GLY B 145 30.90 33.16 20.83
N LYS B 146 29.86 32.51 20.34
CA LYS B 146 30.03 31.46 19.34
C LYS B 146 29.95 32.03 17.92
N GLU B 147 30.61 31.33 17.00
CA GLU B 147 30.41 31.53 15.57
C GLU B 147 29.49 30.41 15.09
N VAL B 148 28.38 30.79 14.47
CA VAL B 148 27.35 29.82 14.09
C VAL B 148 27.21 29.84 12.58
N VAL B 149 27.24 28.65 11.96
CA VAL B 149 27.14 28.54 10.52
C VAL B 149 25.96 27.63 10.19
N LEU B 150 25.24 27.98 9.12
CA LEU B 150 24.13 27.19 8.64
C LEU B 150 24.43 26.80 7.20
N GLY B 151 24.34 25.53 6.91
CA GLY B 151 24.53 25.09 5.54
C GLY B 151 23.29 25.30 4.70
N SER B 152 23.51 25.29 3.39
CA SER B 152 22.43 25.43 2.44
C SER B 152 22.77 24.58 1.22
N SER B 153 21.73 24.26 0.44
CA SER B 153 21.91 23.59 -0.84
C SER B 153 20.83 24.12 -1.76
N LYS B 154 20.91 23.71 -3.03
CA LYS B 154 20.00 24.25 -4.03
C LYS B 154 18.54 24.10 -3.59
N ASN B 155 18.17 22.93 -3.08
CA ASN B 155 16.79 22.63 -2.79
C ASN B 155 16.44 22.64 -1.30
N THR B 156 17.42 22.58 -0.42
CA THR B 156 17.19 22.57 1.03
C THR B 156 17.54 23.93 1.62
N LYS B 157 16.64 24.47 2.44
CA LYS B 157 16.77 25.82 2.97
C LYS B 157 17.85 25.89 4.06
N LYS B 158 18.12 27.12 4.50
CA LYS B 158 19.25 27.40 5.38
C LYS B 158 19.18 26.63 6.69
N GLY B 159 20.13 25.72 6.91
CA GLY B 159 20.14 24.90 8.11
C GLY B 159 19.39 23.58 8.02
N GLN B 160 18.80 23.26 6.88
CA GLN B 160 17.94 22.09 6.73
C GLN B 160 18.65 20.95 6.00
N VAL B 161 18.36 19.70 6.41
CA VAL B 161 18.76 18.47 5.72
C VAL B 161 17.54 17.55 5.57
N LEU B 162 17.72 16.48 4.79
CA LEU B 162 16.75 15.38 4.70
C LEU B 162 17.49 14.05 4.68
N GLY B 163 16.74 12.97 4.87
CA GLY B 163 17.36 11.66 5.04
C GLY B 163 18.09 11.14 3.82
N CYS B 164 17.78 11.68 2.64
CA CYS B 164 18.45 11.27 1.41
C CYS B 164 19.27 12.41 0.79
N ASN B 165 19.49 13.50 1.52
CA ASN B 165 20.29 14.60 0.95
C ASN B 165 21.00 15.35 2.07
N PHE B 166 22.27 15.02 2.28
CA PHE B 166 23.09 15.67 3.29
C PHE B 166 24.03 16.70 2.69
N SER B 167 23.80 17.12 1.44
CA SER B 167 24.80 17.95 0.78
C SER B 167 25.04 19.27 1.50
N SER B 168 24.01 19.81 2.17
CA SER B 168 24.15 21.11 2.80
C SER B 168 25.12 21.10 3.99
N ILE B 169 25.46 19.94 4.55
CA ILE B 169 26.36 19.90 5.69
C ILE B 169 27.74 19.38 5.32
N LYS B 170 28.02 19.16 4.03
CA LYS B 170 29.29 18.54 3.67
C LYS B 170 30.44 19.54 3.55
N ASN B 171 30.17 20.85 3.44
CA ASN B 171 31.23 21.82 3.21
C ASN B 171 31.26 22.92 4.28
N LEU B 172 30.92 22.59 5.52
CA LEU B 172 30.84 23.63 6.55
C LEU B 172 32.16 23.85 7.29
N ASP B 173 32.92 22.79 7.55
CA ASP B 173 34.14 22.89 8.35
C ASP B 173 33.85 23.58 9.68
N ALA B 174 33.00 22.95 10.48
CA ALA B 174 32.69 23.39 11.84
C ALA B 174 33.42 22.49 12.83
N GLU B 175 33.50 22.94 14.08
CA GLU B 175 34.10 22.09 15.11
C GLU B 175 33.11 21.09 15.67
N VAL B 176 31.81 21.39 15.60
CA VAL B 176 30.77 20.54 16.15
C VAL B 176 29.49 20.85 15.40
N TYR B 177 28.58 19.87 15.32
CA TYR B 177 27.31 20.00 14.63
C TYR B 177 26.19 19.72 15.63
N LEU B 178 25.28 20.69 15.80
CA LEU B 178 24.15 20.53 16.69
C LEU B 178 22.90 20.31 15.85
N PHE B 179 22.35 19.09 15.91
CA PHE B 179 21.14 18.74 15.18
C PHE B 179 19.94 18.96 16.09
N ILE B 180 18.91 19.63 15.57
CA ILE B 180 17.68 19.86 16.32
C ILE B 180 16.62 18.87 15.82
N GLY B 181 16.24 17.93 16.66
CA GLY B 181 15.17 17.02 16.32
C GLY B 181 15.35 15.69 17.00
N SER B 182 14.33 14.85 16.85
CA SER B 182 14.34 13.51 17.40
C SER B 182 14.90 12.52 16.36
N GLY B 183 15.02 11.27 16.77
CA GLY B 183 15.52 10.24 15.89
C GLY B 183 17.01 10.32 15.70
N ASN B 184 17.59 9.17 15.31
CA ASN B 184 19.03 9.04 15.20
C ASN B 184 19.54 9.19 13.78
N PHE B 185 18.68 9.07 12.77
CA PHE B 185 19.17 8.93 11.40
C PHE B 185 19.92 10.16 10.92
N HIS B 186 19.31 11.33 11.07
CA HIS B 186 19.98 12.54 10.58
C HIS B 186 21.28 12.81 11.32
N PRO B 187 21.34 12.77 12.66
CA PRO B 187 22.65 12.95 13.31
C PRO B 187 23.64 11.87 12.92
N LEU B 188 23.17 10.63 12.68
CA LEU B 188 24.09 9.61 12.21
C LEU B 188 24.72 10.00 10.88
N GLY B 189 23.91 10.52 9.96
CA GLY B 189 24.45 10.94 8.67
C GLY B 189 25.41 12.11 8.81
N ILE B 190 25.07 13.08 9.67
CA ILE B 190 26.00 14.19 9.87
C ILE B 190 27.34 13.68 10.39
N TYR B 191 27.29 12.76 11.36
CA TYR B 191 28.53 12.19 11.90
C TYR B 191 29.32 11.47 10.82
N LEU B 192 28.65 10.60 10.04
CA LEU B 192 29.36 9.82 9.03
C LEU B 192 29.99 10.72 7.97
N PHE B 193 29.28 11.76 7.53
CA PHE B 193 29.84 12.58 6.47
C PHE B 193 30.91 13.53 6.99
N THR B 194 30.77 14.05 8.19
CA THR B 194 31.77 15.00 8.69
C THR B 194 32.89 14.36 9.51
N LYS B 195 32.64 13.21 10.15
CA LYS B 195 33.58 12.63 11.11
C LYS B 195 33.97 13.64 12.18
N SER B 196 33.05 14.54 12.50
CA SER B 196 33.18 15.57 13.52
C SER B 196 32.23 15.30 14.67
N PRO B 197 32.46 15.91 15.82
CA PRO B 197 31.51 15.77 16.94
C PRO B 197 30.12 16.25 16.54
N VAL B 198 29.10 15.48 16.95
CA VAL B 198 27.72 15.77 16.64
C VAL B 198 26.90 15.60 17.90
N LEU B 199 26.14 16.62 18.26
CA LEU B 199 25.21 16.59 19.37
C LEU B 199 23.81 16.74 18.82
N ALA B 200 22.84 16.15 19.51
CA ALA B 200 21.46 16.22 19.03
C ALA B 200 20.55 16.66 20.17
N LEU B 201 19.79 17.73 19.93
CA LEU B 201 18.80 18.22 20.87
C LEU B 201 17.42 17.81 20.39
N ASP B 202 16.71 17.01 21.18
CA ASP B 202 15.31 16.74 20.92
C ASP B 202 14.49 17.85 21.55
N PRO B 203 13.90 18.75 20.78
CA PRO B 203 13.24 19.92 21.37
C PRO B 203 11.94 19.60 22.09
N TYR B 204 11.38 18.40 21.89
CA TYR B 204 10.13 18.03 22.58
C TYR B 204 10.37 17.64 24.04
N ASN B 205 11.43 16.89 24.32
CA ASN B 205 11.70 16.41 25.66
C ASN B 205 13.01 16.95 26.23
N SER B 206 13.69 17.83 25.51
CA SER B 206 14.86 18.59 25.99
C SER B 206 16.08 17.72 26.24
N GLU B 207 16.11 16.48 25.77
CA GLU B 207 17.29 15.64 25.92
C GLU B 207 18.32 15.97 24.86
N ILE B 208 19.59 16.03 25.28
CA ILE B 208 20.73 16.22 24.39
C ILE B 208 21.55 14.94 24.41
N ARG B 209 21.85 14.40 23.22
N ARG B 209 21.83 14.38 23.23
CA ARG B 209 22.54 13.13 23.09
CA ARG B 209 22.58 13.13 23.16
C ARG B 209 23.78 13.29 22.21
C ARG B 209 23.77 13.27 22.20
N ASP B 210 24.81 12.48 22.50
CA ASP B 210 26.08 12.51 21.80
C ASP B 210 26.18 11.33 20.82
N ILE B 211 27.34 11.20 20.17
CA ILE B 211 27.50 10.34 18.99
C ILE B 211 27.22 8.88 19.34
N SER B 212 27.92 8.35 20.34
CA SER B 212 27.76 6.95 20.71
C SER B 212 26.29 6.58 20.91
N ALA B 213 25.52 7.53 21.46
CA ALA B 213 24.11 7.27 21.78
C ALA B 213 23.26 7.04 20.53
N PHE B 214 23.64 7.61 19.38
CA PHE B 214 22.84 7.44 18.18
C PHE B 214 23.54 6.69 17.04
N ALA B 215 24.83 6.34 17.18
CA ALA B 215 25.60 5.79 16.07
C ALA B 215 26.15 4.39 16.32
N ASP B 216 26.61 4.11 17.54
CA ASP B 216 27.29 2.85 17.81
C ASP B 216 26.41 1.65 17.50
N ARG B 217 25.24 1.57 18.16
CA ARG B 217 24.37 0.42 17.97
C ARG B 217 24.01 0.19 16.50
N ILE B 218 23.84 1.27 15.74
CA ILE B 218 23.40 1.11 14.35
C ILE B 218 24.53 0.61 13.46
N LEU B 219 25.74 1.16 13.64
CA LEU B 219 26.87 0.74 12.81
C LEU B 219 27.20 -0.73 13.02
N ARG B 220 27.11 -1.22 14.26
CA ARG B 220 27.35 -2.64 14.51
C ARG B 220 26.27 -3.50 13.87
N ILE B 221 25.04 -3.02 13.84
CA ILE B 221 24.00 -3.74 13.11
C ILE B 221 24.37 -3.81 11.64
N ARG B 222 24.75 -2.68 11.04
CA ARG B 222 25.02 -2.68 9.61
C ARG B 222 26.17 -3.63 9.29
N PHE B 223 27.23 -3.60 10.10
CA PHE B 223 28.35 -4.51 9.90
C PHE B 223 27.90 -5.97 9.94
N ALA B 224 27.03 -6.32 10.88
CA ALA B 224 26.55 -7.70 10.97
C ALA B 224 25.73 -8.10 9.76
N ARG B 225 24.87 -7.19 9.27
CA ARG B 225 24.06 -7.51 8.10
C ARG B 225 24.94 -7.69 6.88
N ILE B 226 25.94 -6.83 6.71
CA ILE B 226 26.89 -7.01 5.61
C ILE B 226 27.54 -8.38 5.70
N THR B 227 27.95 -8.79 6.90
CA THR B 227 28.64 -10.08 7.03
C THR B 227 27.71 -11.21 6.63
N LYS B 228 26.44 -11.13 7.03
CA LYS B 228 25.50 -12.18 6.66
C LYS B 228 25.24 -12.18 5.16
N ALA B 229 25.18 -11.00 4.55
CA ALA B 229 24.92 -10.89 3.12
C ALA B 229 26.08 -11.40 2.28
N ARG B 230 27.28 -11.52 2.86
CA ARG B 230 28.40 -12.11 2.12
C ARG B 230 28.14 -13.56 1.77
N GLU B 231 27.23 -14.22 2.49
CA GLU B 231 26.88 -15.60 2.19
C GLU B 231 25.71 -15.71 1.23
N ALA B 232 25.09 -14.59 0.84
CA ALA B 232 23.91 -14.64 0.01
C ALA B 232 24.27 -15.02 -1.43
N GLU B 233 23.45 -15.88 -2.02
CA GLU B 233 23.65 -16.29 -3.39
C GLU B 233 22.53 -15.83 -4.32
N LYS B 234 21.36 -15.49 -3.78
CA LYS B 234 20.25 -15.00 -4.57
C LYS B 234 19.70 -13.75 -3.90
N TRP B 235 19.43 -12.72 -4.70
CA TRP B 235 19.13 -11.39 -4.19
C TRP B 235 17.82 -10.85 -4.72
N GLY B 236 17.18 -10.01 -3.90
CA GLY B 236 16.07 -9.18 -4.36
C GLY B 236 16.54 -7.75 -4.36
N ILE B 237 16.12 -7.00 -5.37
CA ILE B 237 16.43 -5.57 -5.51
C ILE B 237 15.09 -4.83 -5.43
N ILE B 238 14.90 -4.06 -4.37
CA ILE B 238 13.61 -3.46 -4.05
C ILE B 238 13.55 -2.07 -4.65
N VAL B 239 12.54 -1.81 -5.47
CA VAL B 239 12.30 -0.48 -6.02
C VAL B 239 10.95 -0.01 -5.50
N SER B 240 10.81 1.31 -5.31
CA SER B 240 9.51 1.88 -4.94
C SER B 240 8.92 2.66 -6.11
N SER B 241 7.61 2.53 -6.29
CA SER B 241 6.91 3.33 -7.29
C SER B 241 6.70 4.78 -6.86
N LYS B 242 7.01 5.10 -5.61
CA LYS B 242 6.84 6.46 -5.11
C LYS B 242 7.76 7.41 -5.88
N GLU B 243 7.20 8.53 -6.36
CA GLU B 243 7.87 9.37 -7.34
C GLU B 243 9.25 9.83 -6.85
N GLY B 244 9.32 10.28 -5.60
CA GLY B 244 10.59 10.74 -5.07
C GLY B 244 11.57 9.66 -4.68
N GLN B 245 11.17 8.39 -4.75
CA GLN B 245 12.02 7.27 -4.39
C GLN B 245 12.38 6.37 -5.55
N TYR B 246 11.93 6.71 -6.75
CA TYR B 246 12.03 5.78 -7.88
C TYR B 246 13.45 5.79 -8.42
N ARG B 247 14.12 4.64 -8.41
CA ARG B 247 15.52 4.54 -8.87
C ARG B 247 15.68 3.26 -9.69
N MET B 248 14.89 3.15 -10.76
CA MET B 248 14.92 1.91 -11.55
C MET B 248 16.23 1.77 -12.33
N LYS B 249 16.80 2.88 -12.80
CA LYS B 249 18.09 2.79 -13.50
C LYS B 249 19.14 2.16 -12.61
N LEU B 250 19.21 2.62 -11.36
CA LEU B 250 20.15 2.06 -10.39
C LEU B 250 19.85 0.59 -10.12
N ALA B 251 18.57 0.26 -9.92
CA ALA B 251 18.19 -1.13 -9.68
C ALA B 251 18.66 -2.04 -10.80
N LYS B 252 18.54 -1.58 -12.04
CA LYS B 252 18.98 -2.40 -13.17
C LYS B 252 20.50 -2.49 -13.22
N GLU B 253 21.21 -1.45 -12.80
CA GLU B 253 22.66 -1.54 -12.73
C GLU B 253 23.10 -2.52 -11.66
N ILE B 254 22.43 -2.52 -10.51
CA ILE B 254 22.74 -3.45 -9.42
C ILE B 254 22.47 -4.89 -9.85
N LYS B 255 21.36 -5.12 -10.57
CA LYS B 255 21.07 -6.46 -11.07
C LYS B 255 22.22 -6.95 -11.96
N LYS B 256 22.63 -6.13 -12.94
CA LYS B 256 23.73 -6.52 -13.81
C LYS B 256 25.01 -6.78 -13.02
N ILE B 257 25.29 -5.96 -12.01
CA ILE B 257 26.50 -6.14 -11.22
C ILE B 257 26.46 -7.46 -10.45
N LEU B 258 25.31 -7.76 -9.82
CA LEU B 258 25.19 -9.01 -9.10
C LEU B 258 25.32 -10.20 -10.05
N GLU B 259 24.78 -10.08 -11.26
CA GLU B 259 24.91 -11.18 -12.21
C GLU B 259 26.35 -11.33 -12.67
N ASP B 260 27.11 -10.23 -12.71
CA ASP B 260 28.54 -10.29 -13.03
C ASP B 260 29.33 -11.03 -11.96
N ASN B 261 28.86 -10.97 -10.72
CA ASN B 261 29.45 -11.71 -9.62
C ASN B 261 28.81 -13.10 -9.44
N LYS B 262 28.17 -13.61 -10.51
CA LYS B 262 27.72 -15.00 -10.57
C LYS B 262 26.63 -15.29 -9.52
N MET B 263 25.82 -14.29 -9.23
CA MET B 263 24.68 -14.45 -8.33
C MET B 263 23.38 -14.13 -9.07
N GLU B 264 22.26 -14.59 -8.54
CA GLU B 264 20.95 -14.29 -9.11
C GLU B 264 20.39 -13.05 -8.44
N ALA B 265 19.63 -12.26 -9.21
CA ALA B 265 19.04 -11.03 -8.69
C ALA B 265 17.76 -10.71 -9.43
N TYR B 266 16.72 -10.33 -8.67
CA TYR B 266 15.38 -10.09 -9.19
C TYR B 266 14.85 -8.77 -8.64
N ILE B 267 14.31 -7.96 -9.52
CA ILE B 267 13.80 -6.64 -9.15
C ILE B 267 12.36 -6.81 -8.70
N ILE B 268 12.07 -6.32 -7.50
CA ILE B 268 10.74 -6.32 -6.91
C ILE B 268 10.33 -4.87 -6.72
N MET B 269 9.19 -4.50 -7.28
CA MET B 269 8.68 -3.14 -7.18
C MET B 269 7.47 -3.11 -6.25
N ALA B 270 7.46 -2.17 -5.32
CA ALA B 270 6.30 -2.02 -4.45
C ALA B 270 6.10 -0.54 -4.12
N ASP B 271 4.91 -0.20 -3.64
CA ASP B 271 4.63 1.15 -3.18
C ASP B 271 5.28 1.27 -1.81
N ASN B 272 4.58 0.80 -0.78
CA ASN B 272 5.13 0.70 0.56
C ASN B 272 5.87 -0.61 0.73
N ILE B 273 7.07 -0.53 1.30
CA ILE B 273 7.90 -1.69 1.58
C ILE B 273 7.72 -2.09 3.05
N ASN B 274 7.54 -3.38 3.30
CA ASN B 274 7.35 -3.90 4.66
C ASN B 274 7.72 -5.37 4.68
N PRO B 275 7.96 -5.95 5.86
CA PRO B 275 8.38 -7.37 5.90
C PRO B 275 7.40 -8.31 5.22
N ASP B 276 6.09 -8.10 5.41
CA ASP B 276 5.12 -9.05 4.86
C ASP B 276 5.25 -9.17 3.35
N ILE B 277 5.57 -8.08 2.66
CA ILE B 277 5.56 -8.22 1.21
C ILE B 277 6.80 -8.94 0.70
N LEU B 278 7.80 -9.24 1.55
CA LEU B 278 8.95 -10.02 1.10
C LEU B 278 8.86 -11.50 1.46
N LEU B 279 7.86 -11.89 2.25
CA LEU B 279 7.74 -13.28 2.67
C LEU B 279 7.61 -14.30 1.53
N PRO B 280 6.96 -14.02 0.39
CA PRO B 280 6.83 -15.09 -0.62
C PRO B 280 8.11 -15.37 -1.38
N TYR B 281 9.10 -14.49 -1.33
CA TYR B 281 10.33 -14.70 -2.11
C TYR B 281 11.32 -15.52 -1.29
N MET B 282 10.88 -16.76 -1.02
CA MET B 282 11.60 -17.62 -0.08
C MET B 282 12.99 -18.00 -0.59
N GLU B 283 13.18 -18.03 -1.91
CA GLU B 283 14.47 -18.38 -2.48
C GLU B 283 15.53 -17.31 -2.26
N LEU B 284 15.13 -16.09 -1.93
CA LEU B 284 16.08 -14.98 -1.90
C LEU B 284 16.74 -14.87 -0.53
N ASP B 285 18.06 -14.67 -0.54
CA ASP B 285 18.84 -14.67 0.70
C ASP B 285 19.03 -13.28 1.28
N ALA B 286 18.94 -12.24 0.46
CA ALA B 286 19.22 -10.89 0.92
C ALA B 286 18.58 -9.94 -0.08
N PHE B 287 18.44 -8.68 0.35
CA PHE B 287 17.79 -7.64 -0.43
C PHE B 287 18.65 -6.39 -0.41
N VAL B 288 18.66 -5.69 -1.54
CA VAL B 288 19.28 -4.37 -1.63
C VAL B 288 18.16 -3.38 -1.94
N VAL B 289 18.14 -2.27 -1.21
CA VAL B 289 17.01 -1.34 -1.28
C VAL B 289 17.41 -0.20 -2.20
N SER B 290 16.78 -0.14 -3.36
CA SER B 290 17.00 0.97 -4.30
C SER B 290 15.83 1.93 -4.25
N ALA B 291 15.34 2.20 -3.04
CA ALA B 291 14.25 3.12 -2.75
C ALA B 291 14.73 4.11 -1.69
N CYS B 292 13.85 4.51 -0.77
CA CYS B 292 14.21 5.46 0.28
C CYS B 292 15.41 4.95 1.07
N PRO B 293 16.48 5.74 1.19
CA PRO B 293 17.68 5.24 1.89
C PRO B 293 17.47 4.95 3.35
N ARG B 294 16.41 5.49 3.97
CA ARG B 294 16.20 5.22 5.39
C ARG B 294 15.68 3.82 5.66
N ILE B 295 15.07 3.18 4.66
CA ILE B 295 14.42 1.89 4.88
C ILE B 295 15.40 0.88 5.45
N ALA B 296 16.52 0.65 4.74
CA ALA B 296 17.48 -0.34 5.22
C ALA B 296 18.03 0.02 6.60
N ILE B 297 18.16 1.32 6.90
CA ILE B 297 18.86 1.73 8.11
C ILE B 297 17.93 1.76 9.31
N ASP B 298 16.77 2.40 9.15
CA ASP B 298 15.88 2.65 10.29
C ASP B 298 15.07 1.42 10.67
N ASP B 299 14.70 0.57 9.70
CA ASP B 299 13.75 -0.51 9.94
C ASP B 299 14.40 -1.89 9.89
N SER B 300 15.73 -1.97 10.02
CA SER B 300 16.41 -3.25 9.91
C SER B 300 15.84 -4.28 10.87
N GLN B 301 15.40 -3.85 12.05
CA GLN B 301 14.93 -4.80 13.05
C GLN B 301 13.68 -5.54 12.60
N MET B 302 12.99 -5.06 11.58
CA MET B 302 11.72 -5.67 11.20
C MET B 302 11.90 -6.85 10.25
N TYR B 303 13.07 -6.99 9.63
CA TYR B 303 13.28 -7.95 8.56
C TYR B 303 14.26 -9.02 9.00
N LYS B 304 13.88 -10.28 8.78
CA LYS B 304 14.76 -11.40 9.10
C LYS B 304 16.01 -11.39 8.22
N LYS B 305 15.81 -11.38 6.88
CA LYS B 305 16.89 -11.38 5.92
C LYS B 305 17.54 -10.01 5.82
N PRO B 306 18.83 -9.96 5.48
CA PRO B 306 19.52 -8.66 5.43
C PRO B 306 18.91 -7.77 4.36
N LEU B 307 18.61 -6.51 4.75
CA LEU B 307 18.25 -5.44 3.81
C LEU B 307 19.38 -4.41 3.81
N LEU B 308 20.00 -4.20 2.64
CA LEU B 308 21.19 -3.36 2.53
C LEU B 308 20.94 -2.16 1.66
N THR B 309 21.72 -1.10 1.88
CA THR B 309 21.77 0.00 0.93
C THR B 309 22.67 -0.40 -0.22
N PRO B 310 22.64 0.33 -1.32
CA PRO B 310 23.59 0.03 -2.41
C PRO B 310 25.05 0.15 -1.98
N GLN B 311 25.38 1.10 -1.09
CA GLN B 311 26.75 1.25 -0.63
C GLN B 311 27.18 0.08 0.26
N GLU B 312 26.24 -0.48 1.02
CA GLU B 312 26.55 -1.67 1.80
C GLU B 312 26.78 -2.87 0.89
N LEU B 313 26.01 -2.96 -0.21
CA LEU B 313 26.28 -4.02 -1.17
C LEU B 313 27.68 -3.88 -1.75
N GLU B 314 28.12 -2.64 -2.00
CA GLU B 314 29.48 -2.43 -2.48
C GLU B 314 30.50 -3.02 -1.51
N ILE B 315 30.24 -2.89 -0.21
CA ILE B 315 31.14 -3.49 0.78
C ILE B 315 31.11 -5.01 0.69
N VAL B 316 29.91 -5.58 0.53
CA VAL B 316 29.79 -7.04 0.39
C VAL B 316 30.61 -7.54 -0.80
N LEU B 317 30.55 -6.83 -1.93
CA LEU B 317 31.28 -7.25 -3.11
C LEU B 317 32.74 -6.79 -3.11
N ASN B 318 33.22 -6.23 -2.00
CA ASN B 318 34.60 -5.80 -1.86
C ASN B 318 34.97 -4.70 -2.87
N LYS B 319 33.99 -3.85 -3.21
CA LYS B 319 34.21 -2.67 -4.02
C LYS B 319 34.29 -1.40 -3.19
N ARG B 320 33.97 -1.48 -1.90
CA ARG B 320 34.04 -0.36 -0.97
C ARG B 320 34.57 -0.92 0.34
N GLN B 321 35.55 -0.25 0.92
CA GLN B 321 36.09 -0.66 2.20
C GLN B 321 35.11 -0.26 3.31
N TRP B 322 35.04 -1.11 4.35
CA TRP B 322 34.15 -0.79 5.46
C TRP B 322 34.50 0.54 6.10
N GLU B 323 35.80 0.88 6.12
CA GLU B 323 36.21 2.16 6.69
C GLU B 323 35.62 3.35 5.93
N ASN B 324 35.29 3.15 4.65
CA ASN B 324 34.71 4.21 3.83
C ASN B 324 33.19 4.08 3.74
N TYR B 325 32.58 3.53 4.80
CA TYR B 325 31.14 3.41 4.85
C TYR B 325 30.49 4.76 4.53
N GLN B 326 29.41 4.69 3.77
CA GLN B 326 28.72 5.90 3.32
C GLN B 326 27.22 5.63 3.36
N LEU B 327 26.44 6.53 3.95
CA LEU B 327 24.99 6.42 3.83
C LEU B 327 24.54 6.66 2.40
N ASP B 328 23.47 5.98 2.02
CA ASP B 328 22.83 6.19 0.73
C ASP B 328 22.19 7.58 0.65
N GLU B 329 22.17 8.15 -0.56
CA GLU B 329 21.54 9.44 -0.82
C GLU B 329 20.89 9.43 -2.19
N ILE B 330 19.82 10.21 -2.35
CA ILE B 330 19.18 10.43 -3.63
C ILE B 330 19.56 11.85 -4.07
N LEU B 331 20.57 11.97 -4.94
CA LEU B 331 21.05 13.29 -5.35
C LEU B 331 20.29 13.85 -6.55
N PHE B 332 19.89 12.98 -7.48
CA PHE B 332 19.07 13.35 -8.62
C PHE B 332 17.79 12.53 -8.61
N HIS B 333 16.71 13.14 -9.09
CA HIS B 333 15.44 12.43 -9.16
C HIS B 333 15.08 12.12 -10.60
CS MTA C . -10.00 -12.85 -1.87
S5' MTA C . -10.10 -11.35 -2.78
C5' MTA C . -11.10 -10.37 -1.71
C4' MTA C . -10.29 -9.96 -0.49
O4' MTA C . -9.20 -9.15 -0.91
C2' MTA C . -9.98 -8.27 1.15
O2' MTA C . -9.40 -9.09 2.17
C3' MTA C . -11.06 -9.06 0.45
O3' MTA C . -11.78 -9.83 1.41
C1' MTA C . -8.94 -8.14 0.07
N9 MTA C . -9.04 -6.83 -0.57
C8 MTA C . -9.67 -6.53 -1.72
N7 MTA C . -9.53 -5.23 -2.01
C5 MTA C . -8.79 -4.68 -1.02
C6 MTA C . -8.27 -3.34 -0.71
N6 MTA C . -8.52 -2.30 -1.52
N1 MTA C . -7.52 -3.20 0.41
C2 MTA C . -7.26 -4.25 1.22
N3 MTA C . -7.71 -5.50 1.01
C4 MTA C . -8.45 -5.75 -0.09
FE1 SF4 D . -11.70 -6.85 -6.80
FE2 SF4 D . -14.33 -7.45 -6.82
FE3 SF4 D . -13.08 -7.11 -4.54
FE4 SF4 D . -12.56 -9.40 -6.13
S1 SF4 D . -14.53 -8.76 -5.08
S2 SF4 D . -11.04 -8.06 -5.04
S3 SF4 D . -12.71 -8.38 -8.21
S4 SF4 D . -13.43 -5.59 -5.93
CL CL E . -16.76 7.21 -9.26
CS MTA F . 10.49 9.16 9.09
S5' MTA F . 10.55 9.14 7.32
C5' MTA F . 11.61 7.77 7.04
C4' MTA F . 10.87 6.49 7.37
O4' MTA F . 9.77 6.32 6.46
C2' MTA F . 10.79 4.20 6.76
O2' MTA F . 10.29 3.56 7.93
C3' MTA F . 11.75 5.27 7.20
O3' MTA F . 12.34 4.93 8.44
C1' MTA F . 9.62 4.94 6.13
N9 MTA F . 9.57 4.79 4.64
C8 MTA F . 10.07 5.65 3.73
N7 MTA F . 9.82 5.21 2.46
C5 MTA F . 9.15 4.04 2.59
C6 MTA F . 8.58 3.04 1.66
N6 MTA F . 8.71 3.22 0.34
N1 MTA F . 7.93 1.96 2.19
C2 MTA F . 7.81 1.81 3.53
N3 MTA F . 8.31 2.67 4.43
C4 MTA F . 8.98 3.78 4.02
FE1 SF4 G . 11.48 10.29 1.26
FE2 SF4 G . 14.20 10.93 1.37
FE3 SF4 G . 13.23 8.69 2.40
FE4 SF4 G . 12.66 11.10 3.63
S1 SF4 G . 14.76 10.11 3.29
S2 SF4 G . 11.18 9.36 3.29
S3 SF4 G . 12.38 12.38 1.72
S4 SF4 G . 13.30 9.15 0.40
#